data_1GLL
#
_entry.id   1GLL
#
_cell.length_a   99.766
_cell.length_b   201.148
_cell.length_c   114.340
_cell.angle_alpha   90.00
_cell.angle_beta   90.00
_cell.angle_gamma   90.00
#
_symmetry.space_group_name_H-M   'C 2 2 21'
#
loop_
_entity.id
_entity.type
_entity.pdbx_description
1 polymer 'GLYCEROL KINASE'
2 non-polymer 'MAGNESIUM ION'
3 non-polymer 'PHOSPHOMETHYLPHOSPHONIC ACID ADENYLATE ESTER'
4 non-polymer GLYCEROL
#
_entity_poly.entity_id   1
_entity_poly.type   'polypeptide(L)'
_entity_poly.pdbx_seq_one_letter_code
;TEKKYIVALDQGTTSSRAVVMDHDANIISVSQREFEQIYPKPGWVEHDPMEIWATQSWTLVEVLAKADISSDQIAAIGIT
NQRETTIVWEKETGKPIYNAIVWQCRRTAEICEHLKRDGLEDYIRSNTGLVIDPYFSGTKVKWILDHVEGSRERARRGEL
LFGTVDTWLIWKMTQGRVHVTDYTNASRTMLFNIHTLDWDDKMLEVLDIPREMLPEVRRSSEVYGQTNIGGKGGTRIPIS
GIAGDQQAALFGQLCVKEGMAKNTYGTGCFMLMNTGEKAVKSENGLLTTIACGPTGEVNYALEGAVFMAGASIQWLRDEM
KLINDAYDSEYFATKVQNTNGVYVVPAFTGLGAPYWDPYARGAIFGLTRGVNANHIIRATLESIAYQTRDVLEAMQADSG
IRLHALRVDGGAVANNFLMQFQSDILGTRVERPEVREVTALGAAYLAGLAVGFWQNLDELQEKAVIEREFRPGIETTERN
YRYAGWKKAVKRAMAWEEHDE
;
_entity_poly.pdbx_strand_id   Y,O
#
# COMPACT_ATOMS: atom_id res chain seq x y z
N GLU A 2 -58.44 4.79 2.72
CA GLU A 2 -57.86 5.01 4.04
C GLU A 2 -56.30 4.99 4.05
N LYS A 3 -55.70 3.85 4.50
CA LYS A 3 -54.24 3.62 4.62
C LYS A 3 -53.63 2.65 3.62
N LYS A 4 -52.93 3.21 2.62
CA LYS A 4 -52.36 2.45 1.51
C LYS A 4 -50.86 2.06 1.64
N TYR A 5 -50.16 2.66 2.61
CA TYR A 5 -48.76 2.29 2.71
C TYR A 5 -48.16 1.87 4.02
N ILE A 6 -46.92 1.46 3.76
CA ILE A 6 -46.03 0.97 4.75
C ILE A 6 -44.67 1.62 4.59
N VAL A 7 -44.19 2.06 5.77
CA VAL A 7 -42.92 2.73 5.83
C VAL A 7 -41.85 2.01 6.59
N ALA A 8 -40.83 1.62 5.79
CA ALA A 8 -39.63 0.96 6.22
C ALA A 8 -38.64 2.00 6.72
N LEU A 9 -37.92 1.69 7.81
CA LEU A 9 -36.91 2.65 8.25
C LEU A 9 -35.60 1.98 8.33
N ASP A 10 -34.64 2.59 7.70
CA ASP A 10 -33.40 1.91 7.63
C ASP A 10 -32.20 2.75 7.98
N GLN A 11 -31.78 2.45 9.21
CA GLN A 11 -30.61 3.04 9.85
C GLN A 11 -29.37 2.21 9.53
N GLY A 12 -28.37 2.85 8.86
CA GLY A 12 -27.20 2.16 8.37
C GLY A 12 -25.86 2.67 8.88
N THR A 13 -24.90 1.90 8.54
CA THR A 13 -23.60 2.21 8.95
C THR A 13 -23.18 3.64 8.56
N THR A 14 -23.71 4.16 7.43
CA THR A 14 -23.31 5.44 6.86
C THR A 14 -24.38 6.43 6.55
N SER A 15 -25.59 5.91 6.48
CA SER A 15 -26.69 6.78 6.15
C SER A 15 -28.02 6.28 6.66
N SER A 16 -28.83 7.26 7.03
CA SER A 16 -30.17 6.96 7.43
C SER A 16 -30.98 6.87 6.13
N ARG A 17 -31.85 5.85 6.05
CA ARG A 17 -32.80 5.71 4.95
C ARG A 17 -34.21 5.42 5.43
N ALA A 18 -35.17 5.99 4.64
CA ALA A 18 -36.63 5.80 4.73
C ALA A 18 -37.18 5.32 3.39
N VAL A 19 -38.08 4.38 3.45
CA VAL A 19 -38.67 3.87 2.20
C VAL A 19 -40.23 3.70 2.27
N VAL A 20 -40.97 4.06 1.14
CA VAL A 20 -42.44 3.83 1.06
C VAL A 20 -42.90 2.86 -0.01
N MET A 21 -43.85 2.04 0.38
CA MET A 21 -44.34 1.07 -0.55
C MET A 21 -45.81 0.75 -0.40
N ASP A 22 -46.37 0.50 -1.59
CA ASP A 22 -47.76 0.18 -1.84
C ASP A 22 -48.09 -1.24 -1.48
N HIS A 23 -49.33 -1.48 -1.29
CA HIS A 23 -49.63 -2.84 -1.05
C HIS A 23 -49.10 -3.78 -2.13
N ASP A 24 -48.88 -3.32 -3.31
CA ASP A 24 -48.40 -4.30 -4.22
C ASP A 24 -46.95 -4.52 -3.99
N ALA A 25 -46.49 -3.74 -3.03
CA ALA A 25 -45.13 -3.82 -2.58
C ALA A 25 -44.19 -3.19 -3.58
N ASN A 26 -44.42 -1.91 -3.74
CA ASN A 26 -43.62 -1.20 -4.69
C ASN A 26 -43.12 0.01 -4.00
N ILE A 27 -41.89 0.23 -4.25
CA ILE A 27 -41.19 1.32 -3.69
C ILE A 27 -41.76 2.62 -4.15
N ILE A 28 -42.71 3.05 -3.36
CA ILE A 28 -43.33 4.33 -3.60
C ILE A 28 -42.22 5.38 -3.60
N SER A 29 -41.41 5.38 -2.54
CA SER A 29 -40.36 6.39 -2.46
C SER A 29 -39.25 6.13 -1.41
N VAL A 30 -38.27 7.03 -1.47
CA VAL A 30 -37.05 6.97 -0.70
C VAL A 30 -36.56 8.33 -0.18
N SER A 31 -36.13 8.39 1.08
CA SER A 31 -35.49 9.59 1.61
C SER A 31 -34.10 9.16 2.03
N GLN A 32 -33.09 10.04 2.06
CA GLN A 32 -31.78 9.45 2.34
C GLN A 32 -30.65 10.30 2.81
N ARG A 33 -30.46 10.39 4.11
CA ARG A 33 -29.38 11.25 4.53
C ARG A 33 -28.18 10.59 5.30
N GLU A 34 -27.01 10.87 4.71
CA GLU A 34 -25.66 10.58 5.15
C GLU A 34 -25.28 11.25 6.47
N PHE A 35 -24.62 10.49 7.39
CA PHE A 35 -24.07 11.01 8.66
C PHE A 35 -22.59 10.59 8.80
N GLU A 36 -21.78 11.44 9.51
CA GLU A 36 -20.31 11.37 9.69
C GLU A 36 -19.75 10.16 10.47
N GLN A 37 -18.77 9.55 9.82
CA GLN A 37 -17.98 8.44 10.31
C GLN A 37 -16.85 8.84 11.22
N ILE A 38 -17.10 8.89 12.50
CA ILE A 38 -16.02 9.25 13.37
C ILE A 38 -14.95 8.22 13.63
N TYR A 39 -13.73 8.59 13.25
CA TYR A 39 -12.52 7.80 13.50
C TYR A 39 -11.73 8.46 14.59
N PRO A 40 -12.20 8.32 15.82
CA PRO A 40 -11.57 8.93 16.98
C PRO A 40 -10.05 8.66 16.96
N LYS A 41 -9.69 7.43 16.62
CA LYS A 41 -8.30 7.02 16.42
C LYS A 41 -8.37 5.71 15.64
N PRO A 42 -7.27 5.40 15.00
CA PRO A 42 -7.12 4.24 14.14
C PRO A 42 -7.58 2.95 14.71
N GLY A 43 -8.59 2.40 14.07
CA GLY A 43 -9.26 1.17 14.49
C GLY A 43 -10.55 1.53 15.25
N TRP A 44 -10.70 2.84 15.46
CA TRP A 44 -11.82 3.33 16.16
C TRP A 44 -12.78 4.04 15.26
N VAL A 45 -14.04 3.84 15.64
CA VAL A 45 -15.16 4.35 14.93
C VAL A 45 -16.43 4.67 15.72
N GLU A 46 -16.85 5.94 15.69
CA GLU A 46 -18.08 6.19 16.34
C GLU A 46 -19.05 6.98 15.49
N HIS A 47 -20.20 7.18 16.06
CA HIS A 47 -21.23 7.89 15.40
C HIS A 47 -21.87 8.84 16.36
N ASP A 48 -22.67 9.82 15.86
CA ASP A 48 -23.45 10.64 16.78
C ASP A 48 -24.89 10.17 16.82
N PRO A 49 -25.20 9.51 17.92
CA PRO A 49 -26.51 8.99 18.20
C PRO A 49 -27.54 10.02 17.79
N MET A 50 -27.16 11.26 18.01
CA MET A 50 -27.97 12.34 17.55
C MET A 50 -27.95 12.38 16.05
N GLU A 51 -26.81 12.74 15.48
CA GLU A 51 -26.78 12.74 14.04
C GLU A 51 -27.35 11.49 13.48
N ILE A 52 -27.34 10.42 14.20
CA ILE A 52 -28.05 9.26 13.75
C ILE A 52 -29.48 9.62 13.78
N TRP A 53 -29.92 9.73 15.03
CA TRP A 53 -31.24 10.17 15.37
C TRP A 53 -31.88 10.97 14.28
N ALA A 54 -31.42 12.20 14.35
CA ALA A 54 -31.75 13.26 13.49
C ALA A 54 -31.86 12.78 12.04
N THR A 55 -30.71 12.56 11.36
CA THR A 55 -30.76 12.10 9.98
C THR A 55 -31.77 11.02 9.76
N GLN A 56 -31.96 10.17 10.77
CA GLN A 56 -32.89 9.10 10.57
C GLN A 56 -34.30 9.54 10.74
N SER A 57 -34.43 10.65 11.46
CA SER A 57 -35.71 11.29 11.73
C SER A 57 -36.33 11.87 10.46
N TRP A 58 -35.47 12.50 9.69
CA TRP A 58 -35.78 13.07 8.41
C TRP A 58 -36.31 12.14 7.40
N THR A 59 -35.35 11.69 6.61
CA THR A 59 -35.62 10.75 5.55
C THR A 59 -37.15 10.47 5.60
N LEU A 60 -37.65 9.72 6.58
CA LEU A 60 -39.12 9.51 6.82
C LEU A 60 -39.94 10.74 6.34
N VAL A 61 -39.78 11.83 7.05
CA VAL A 61 -40.27 13.16 6.72
C VAL A 61 -40.29 13.47 5.25
N GLU A 62 -39.13 13.60 4.64
CA GLU A 62 -39.30 13.81 3.30
C GLU A 62 -39.86 12.62 2.64
N VAL A 63 -39.41 11.40 2.85
CA VAL A 63 -40.13 10.42 2.04
C VAL A 63 -41.66 10.64 2.09
N LEU A 64 -42.31 10.87 3.27
CA LEU A 64 -43.69 11.29 3.18
C LEU A 64 -43.79 12.44 2.18
N ALA A 65 -43.73 13.61 2.76
CA ALA A 65 -43.79 14.86 2.04
C ALA A 65 -43.52 14.79 0.50
N LYS A 66 -42.35 14.28 0.15
CA LYS A 66 -41.90 14.19 -1.22
C LYS A 66 -42.75 13.30 -2.09
N ALA A 67 -43.78 12.69 -1.50
CA ALA A 67 -44.64 11.83 -2.27
C ALA A 67 -46.08 12.10 -1.83
N ASP A 68 -46.14 13.14 -1.05
CA ASP A 68 -47.37 13.70 -0.57
C ASP A 68 -48.26 12.77 0.19
N ILE A 69 -47.68 11.67 0.69
CA ILE A 69 -48.46 10.76 1.49
C ILE A 69 -48.72 11.40 2.83
N SER A 70 -49.73 10.90 3.52
CA SER A 70 -50.03 11.45 4.86
C SER A 70 -50.18 10.33 5.90
N SER A 71 -49.72 10.68 7.11
CA SER A 71 -49.71 9.77 8.25
C SER A 71 -50.83 8.73 8.16
N ASP A 72 -52.01 9.25 7.77
CA ASP A 72 -53.28 8.53 7.66
C ASP A 72 -53.41 7.52 6.49
N GLN A 73 -52.34 7.34 5.74
CA GLN A 73 -52.43 6.40 4.65
C GLN A 73 -51.47 5.27 4.81
N ILE A 74 -50.54 5.49 5.69
CA ILE A 74 -49.65 4.41 5.86
C ILE A 74 -50.06 3.75 7.15
N ALA A 75 -49.91 2.45 7.04
CA ALA A 75 -50.23 1.48 8.06
C ALA A 75 -49.25 1.49 9.26
N ALA A 76 -47.99 1.10 9.03
CA ALA A 76 -47.04 1.05 10.11
C ALA A 76 -45.63 1.32 9.66
N ILE A 77 -44.73 0.96 10.56
CA ILE A 77 -43.34 1.18 10.36
C ILE A 77 -42.47 0.00 10.71
N GLY A 78 -41.73 -0.38 9.66
CA GLY A 78 -40.70 -1.38 9.74
C GLY A 78 -39.44 -0.63 10.18
N ILE A 79 -38.51 -1.36 10.81
CA ILE A 79 -37.24 -0.83 11.28
C ILE A 79 -36.02 -1.76 11.06
N THR A 80 -35.00 -1.29 10.28
CA THR A 80 -33.74 -2.02 10.12
C THR A 80 -32.51 -1.19 10.41
N ASN A 81 -31.52 -1.88 10.93
CA ASN A 81 -30.36 -1.16 11.34
C ASN A 81 -29.11 -1.94 11.23
N GLN A 82 -28.04 -1.14 11.35
CA GLN A 82 -26.68 -1.59 11.41
C GLN A 82 -26.60 -2.29 12.75
N ARG A 83 -25.86 -3.39 12.77
CA ARG A 83 -25.97 -4.18 13.94
C ARG A 83 -24.98 -4.15 15.11
N GLU A 84 -23.90 -3.50 15.17
CA GLU A 84 -23.56 -3.98 16.52
C GLU A 84 -23.55 -2.91 17.48
N THR A 85 -23.40 -1.78 16.82
CA THR A 85 -23.30 -0.46 17.33
C THR A 85 -24.15 -0.27 18.55
N THR A 86 -23.46 0.23 19.56
CA THR A 86 -23.96 0.39 20.89
C THR A 86 -24.17 1.76 21.33
N ILE A 87 -25.27 1.92 22.05
CA ILE A 87 -25.64 3.20 22.68
C ILE A 87 -26.12 3.10 24.10
N VAL A 88 -25.90 4.22 24.77
CA VAL A 88 -26.27 4.32 26.13
C VAL A 88 -26.49 5.76 26.57
N TRP A 89 -27.68 5.98 27.12
CA TRP A 89 -28.08 7.31 27.49
C TRP A 89 -28.83 7.50 28.74
N GLU A 90 -28.68 8.76 29.12
CA GLU A 90 -29.39 9.40 30.17
C GLU A 90 -30.86 9.30 29.80
N LYS A 91 -31.69 8.75 30.64
CA LYS A 91 -33.07 8.75 30.25
C LYS A 91 -33.74 10.04 30.69
N GLU A 92 -34.07 10.22 31.95
CA GLU A 92 -34.67 11.52 32.20
C GLU A 92 -34.39 12.49 31.11
N THR A 93 -33.11 12.85 31.07
CA THR A 93 -32.56 13.78 30.11
C THR A 93 -32.73 13.34 28.64
N GLY A 94 -32.59 12.02 28.39
CA GLY A 94 -32.78 11.41 27.07
C GLY A 94 -31.53 11.52 26.24
N LYS A 95 -30.39 11.76 26.92
CA LYS A 95 -29.12 11.98 26.25
C LYS A 95 -27.98 10.94 26.51
N PRO A 96 -27.24 10.74 25.39
CA PRO A 96 -26.12 9.83 25.29
C PRO A 96 -25.03 10.38 26.08
N ILE A 97 -24.37 9.46 26.68
CA ILE A 97 -23.28 9.82 27.52
C ILE A 97 -21.99 9.44 26.80
N TYR A 98 -22.16 9.03 25.51
CA TYR A 98 -21.05 8.64 24.66
C TYR A 98 -21.54 8.25 23.28
N ASN A 99 -20.82 8.74 22.26
CA ASN A 99 -21.12 8.38 20.91
C ASN A 99 -21.32 6.92 20.73
N ALA A 100 -21.90 6.61 19.59
CA ALA A 100 -22.13 5.22 19.30
C ALA A 100 -20.89 4.45 18.89
N ILE A 101 -20.70 3.28 19.50
CA ILE A 101 -19.56 2.57 19.08
C ILE A 101 -20.02 1.55 18.11
N VAL A 102 -19.38 1.63 17.00
CA VAL A 102 -19.76 0.85 15.90
C VAL A 102 -19.21 -0.50 15.86
N TRP A 103 -20.06 -1.38 15.42
CA TRP A 103 -19.63 -2.71 15.37
C TRP A 103 -18.23 -2.89 14.83
N GLN A 104 -17.92 -2.02 13.90
CA GLN A 104 -16.71 -2.03 13.11
C GLN A 104 -15.51 -1.60 13.95
N CYS A 105 -15.77 -0.82 15.01
CA CYS A 105 -14.74 -0.41 15.92
C CYS A 105 -14.07 -1.48 16.75
N ARG A 106 -12.74 -1.51 16.62
CA ARG A 106 -11.83 -2.44 17.40
C ARG A 106 -11.25 -1.94 18.80
N ARG A 107 -11.81 -0.93 19.43
CA ARG A 107 -11.28 -0.41 20.67
C ARG A 107 -11.37 -1.39 21.88
N THR A 108 -12.27 -2.36 21.90
CA THR A 108 -12.38 -3.31 22.99
C THR A 108 -11.71 -4.67 22.78
N ALA A 109 -10.54 -4.67 22.18
CA ALA A 109 -9.82 -5.89 21.92
C ALA A 109 -9.18 -6.45 23.19
N GLU A 110 -8.43 -5.60 23.97
CA GLU A 110 -7.91 -5.93 25.32
C GLU A 110 -8.85 -6.87 26.06
N ILE A 111 -9.92 -6.23 26.46
CA ILE A 111 -10.98 -6.95 27.04
C ILE A 111 -11.18 -8.28 26.47
N CYS A 112 -11.38 -8.26 25.21
CA CYS A 112 -11.59 -9.48 24.59
C CYS A 112 -10.52 -10.45 25.04
N GLU A 113 -9.30 -9.99 24.98
CA GLU A 113 -8.21 -10.82 25.29
C GLU A 113 -8.33 -11.42 26.68
N HIS A 114 -8.82 -10.62 27.61
CA HIS A 114 -9.12 -11.08 28.93
C HIS A 114 -10.03 -12.24 28.82
N LEU A 115 -11.23 -11.90 28.48
CA LEU A 115 -12.22 -12.93 28.28
C LEU A 115 -11.60 -14.17 27.72
N LYS A 116 -10.74 -13.98 26.75
CA LYS A 116 -10.09 -15.09 26.14
C LYS A 116 -9.40 -15.98 27.14
N ARG A 117 -8.54 -15.37 28.02
CA ARG A 117 -7.78 -16.16 29.02
C ARG A 117 -8.44 -16.62 30.30
N ASP A 118 -9.72 -16.27 30.48
CA ASP A 118 -10.58 -16.73 31.53
C ASP A 118 -11.41 -17.86 30.96
N GLY A 119 -10.89 -18.38 29.88
CA GLY A 119 -11.43 -19.48 29.09
C GLY A 119 -12.93 -19.51 28.78
N LEU A 120 -13.55 -18.36 28.44
CA LEU A 120 -14.98 -18.42 28.20
C LEU A 120 -15.44 -18.56 26.80
N GLU A 121 -14.57 -19.04 25.93
CA GLU A 121 -15.06 -19.23 24.60
C GLU A 121 -16.34 -20.06 24.61
N ASP A 122 -16.16 -21.37 24.73
CA ASP A 122 -17.29 -22.25 24.64
C ASP A 122 -18.56 -21.72 25.20
N TYR A 123 -18.53 -21.17 26.34
CA TYR A 123 -19.76 -20.73 26.90
C TYR A 123 -20.52 -19.74 26.01
N ILE A 124 -19.71 -18.79 25.48
CA ILE A 124 -20.05 -17.70 24.59
C ILE A 124 -20.45 -18.31 23.32
N ARG A 125 -19.43 -18.96 22.77
CA ARG A 125 -19.58 -19.69 21.56
C ARG A 125 -20.76 -20.64 21.62
N SER A 126 -21.28 -20.92 22.82
CA SER A 126 -22.38 -21.85 22.96
C SER A 126 -23.69 -21.27 23.42
N ASN A 127 -23.75 -20.05 23.81
CA ASN A 127 -25.01 -19.62 24.36
C ASN A 127 -25.52 -18.48 23.61
N THR A 128 -24.55 -18.08 22.78
CA THR A 128 -24.57 -16.89 21.97
C THR A 128 -24.51 -17.16 20.53
N GLY A 129 -23.86 -18.24 20.21
CA GLY A 129 -23.64 -18.55 18.82
C GLY A 129 -22.47 -17.73 18.38
N LEU A 130 -22.09 -16.83 19.23
CA LEU A 130 -21.04 -15.94 18.95
C LEU A 130 -19.63 -16.49 18.92
N VAL A 131 -18.74 -15.53 19.21
CA VAL A 131 -17.29 -15.58 19.20
C VAL A 131 -16.77 -14.41 20.04
N ILE A 132 -15.50 -14.50 20.53
CA ILE A 132 -14.87 -13.41 21.25
C ILE A 132 -14.24 -12.49 20.23
N ASP A 133 -14.81 -11.29 20.19
CA ASP A 133 -14.43 -10.30 19.21
C ASP A 133 -15.03 -8.95 19.52
N PRO A 134 -14.19 -7.92 19.32
CA PRO A 134 -14.67 -6.57 19.59
C PRO A 134 -15.91 -6.23 18.69
N TYR A 135 -16.27 -7.12 17.81
CA TYR A 135 -17.39 -6.96 16.95
C TYR A 135 -18.64 -6.80 17.75
N PHE A 136 -18.96 -7.72 18.65
CA PHE A 136 -20.17 -7.64 19.47
C PHE A 136 -20.07 -6.67 20.58
N SER A 137 -21.23 -6.16 20.93
CA SER A 137 -21.41 -5.10 21.93
C SER A 137 -20.97 -5.35 23.37
N GLY A 138 -21.26 -6.58 23.90
CA GLY A 138 -20.96 -6.81 25.29
C GLY A 138 -19.84 -5.85 25.72
N THR A 139 -18.66 -6.21 25.19
CA THR A 139 -17.37 -5.60 25.39
C THR A 139 -17.44 -4.08 25.29
N LYS A 140 -18.18 -3.63 24.28
CA LYS A 140 -18.32 -2.20 24.01
C LYS A 140 -18.94 -1.47 25.21
N VAL A 141 -20.13 -1.93 25.59
CA VAL A 141 -20.89 -1.34 26.68
C VAL A 141 -20.00 -0.98 27.83
N LYS A 142 -19.44 -2.10 28.27
CA LYS A 142 -18.48 -2.20 29.32
C LYS A 142 -17.49 -1.09 29.12
N TRP A 143 -16.64 -1.28 28.10
CA TRP A 143 -15.75 -0.24 27.75
C TRP A 143 -16.29 1.04 28.30
N ILE A 144 -17.41 1.43 27.78
CA ILE A 144 -18.00 2.60 28.31
C ILE A 144 -18.10 2.67 29.79
N LEU A 145 -18.93 1.79 30.22
CA LEU A 145 -19.18 1.68 31.59
C LEU A 145 -18.03 2.11 32.37
N ASP A 146 -17.02 1.29 32.34
CA ASP A 146 -15.82 1.56 33.05
C ASP A 146 -15.07 2.53 32.26
N HIS A 147 -15.66 3.66 32.04
CA HIS A 147 -15.04 4.64 31.20
C HIS A 147 -15.67 5.94 31.35
N VAL A 148 -16.85 5.83 31.91
CA VAL A 148 -17.68 6.95 32.24
C VAL A 148 -17.58 7.06 33.75
N GLU A 149 -18.12 8.11 34.36
CA GLU A 149 -17.98 8.23 35.79
C GLU A 149 -18.99 7.51 36.69
N GLY A 150 -20.15 8.11 36.94
CA GLY A 150 -21.09 7.45 37.86
C GLY A 150 -21.55 6.12 37.31
N SER A 151 -21.74 6.13 36.00
CA SER A 151 -22.25 5.00 35.24
C SER A 151 -22.81 3.84 36.06
N ARG A 152 -22.00 2.85 36.23
CA ARG A 152 -22.49 1.69 36.87
C ARG A 152 -23.54 2.05 37.90
N GLU A 153 -23.33 3.08 38.70
CA GLU A 153 -24.37 3.46 39.63
C GLU A 153 -25.71 3.80 38.99
N ARG A 154 -25.81 5.02 38.50
CA ARG A 154 -27.02 5.37 37.81
C ARG A 154 -27.39 4.16 37.06
N ALA A 155 -26.44 3.63 36.30
CA ALA A 155 -26.72 2.42 35.61
C ALA A 155 -27.68 1.65 36.47
N ARG A 156 -27.11 1.20 37.59
CA ARG A 156 -27.76 0.45 38.64
C ARG A 156 -29.05 1.05 39.18
N ARG A 157 -29.05 2.32 39.52
CA ARG A 157 -30.30 2.91 39.97
C ARG A 157 -31.19 3.23 38.75
N GLY A 158 -31.07 2.30 37.74
CA GLY A 158 -31.74 2.22 36.44
C GLY A 158 -31.80 3.54 35.69
N GLU A 159 -30.90 4.46 36.13
CA GLU A 159 -30.71 5.86 35.66
C GLU A 159 -30.17 5.99 34.23
N LEU A 160 -29.60 4.89 33.74
CA LEU A 160 -28.99 4.85 32.46
C LEU A 160 -29.62 3.78 31.65
N LEU A 161 -29.60 4.07 30.37
CA LEU A 161 -30.20 3.18 29.42
C LEU A 161 -29.25 2.68 28.35
N PHE A 162 -29.46 1.44 27.92
CA PHE A 162 -28.60 0.90 26.92
C PHE A 162 -29.33 0.28 25.79
N GLY A 163 -28.94 0.68 24.60
CA GLY A 163 -29.54 0.05 23.48
C GLY A 163 -28.68 -0.04 22.25
N THR A 164 -29.35 -0.63 21.26
CA THR A 164 -28.95 -0.77 19.89
C THR A 164 -29.75 0.12 18.96
N VAL A 165 -29.07 0.46 17.89
CA VAL A 165 -29.63 1.31 16.86
C VAL A 165 -31.14 1.39 16.94
N ASP A 166 -31.74 0.23 16.65
CA ASP A 166 -33.19 0.06 16.70
C ASP A 166 -33.77 0.51 18.06
N THR A 167 -33.28 -0.09 19.13
CA THR A 167 -33.76 0.22 20.43
C THR A 167 -33.83 1.73 20.55
N TRP A 168 -32.67 2.32 20.36
CA TRP A 168 -32.49 3.78 20.47
C TRP A 168 -33.57 4.58 19.76
N LEU A 169 -33.72 4.15 18.49
CA LEU A 169 -34.67 4.65 17.50
C LEU A 169 -36.07 4.73 18.04
N ILE A 170 -36.56 3.58 18.39
CA ILE A 170 -37.84 3.45 19.04
C ILE A 170 -38.03 4.47 20.18
N TRP A 171 -37.25 4.25 21.26
CA TRP A 171 -37.27 5.20 22.36
C TRP A 171 -37.56 6.57 21.81
N LYS A 172 -36.72 6.99 20.89
CA LYS A 172 -36.94 8.25 20.23
C LYS A 172 -38.40 8.43 19.79
N MET A 173 -38.74 7.83 18.66
CA MET A 173 -40.09 7.92 18.21
C MET A 173 -41.11 7.99 19.29
N THR A 174 -41.09 6.93 20.04
CA THR A 174 -42.02 6.77 21.11
C THR A 174 -41.66 7.63 22.28
N GLN A 175 -40.94 8.68 21.99
CA GLN A 175 -40.56 9.63 23.02
C GLN A 175 -40.39 9.03 24.44
N GLY A 176 -39.69 7.90 24.50
CA GLY A 176 -39.37 7.28 25.77
C GLY A 176 -40.48 6.42 26.37
N ARG A 177 -41.32 5.86 25.54
CA ARG A 177 -42.40 5.02 26.05
C ARG A 177 -42.05 3.54 26.04
N VAL A 178 -41.26 3.12 25.09
CA VAL A 178 -40.97 1.74 24.98
C VAL A 178 -39.48 1.47 24.95
N HIS A 179 -39.06 0.46 25.72
CA HIS A 179 -37.65 0.00 25.76
C HIS A 179 -37.52 -1.44 25.29
N VAL A 180 -37.44 -1.62 23.97
CA VAL A 180 -37.39 -2.96 23.50
C VAL A 180 -36.51 -3.10 22.30
N THR A 181 -36.32 -4.38 21.97
CA THR A 181 -35.54 -4.85 20.85
C THR A 181 -36.03 -6.23 20.37
N ASP A 182 -35.55 -6.68 19.21
CA ASP A 182 -36.07 -7.95 18.77
C ASP A 182 -34.97 -8.94 18.97
N TYR A 183 -35.20 -10.21 18.67
CA TYR A 183 -34.17 -11.18 18.90
C TYR A 183 -32.98 -11.02 18.05
N THR A 184 -33.23 -10.91 16.78
CA THR A 184 -32.17 -10.75 15.84
C THR A 184 -31.15 -9.80 16.37
N ASN A 185 -31.67 -8.65 16.60
CA ASN A 185 -30.87 -7.61 17.13
C ASN A 185 -30.27 -8.02 18.49
N ALA A 186 -31.11 -8.62 19.35
CA ALA A 186 -30.66 -8.98 20.70
C ALA A 186 -29.47 -9.91 20.58
N SER A 187 -29.72 -11.06 19.96
CA SER A 187 -28.67 -12.00 19.67
C SER A 187 -27.29 -11.28 19.75
N ARG A 188 -27.07 -10.54 18.69
CA ARG A 188 -25.91 -9.68 18.45
C ARG A 188 -25.08 -9.12 19.64
N THR A 189 -25.72 -8.67 20.71
CA THR A 189 -24.96 -8.18 21.90
C THR A 189 -23.78 -9.03 22.48
N MET A 190 -24.00 -10.34 22.40
CA MET A 190 -23.11 -11.32 22.96
C MET A 190 -23.41 -11.35 24.44
N LEU A 191 -24.69 -11.08 24.74
CA LEU A 191 -25.12 -11.14 26.11
C LEU A 191 -26.55 -11.60 26.15
N PHE A 192 -26.82 -12.62 25.30
CA PHE A 192 -28.16 -13.09 25.28
C PHE A 192 -28.19 -14.56 24.93
N ASN A 193 -28.88 -15.35 25.75
CA ASN A 193 -28.89 -16.74 25.48
C ASN A 193 -29.79 -17.07 24.39
N ILE A 194 -29.19 -17.72 23.42
CA ILE A 194 -29.98 -17.94 22.25
C ILE A 194 -30.82 -19.20 22.29
N HIS A 195 -30.61 -20.07 23.22
CA HIS A 195 -31.57 -21.15 23.31
C HIS A 195 -32.11 -20.91 24.63
N THR A 196 -32.71 -19.79 24.71
CA THR A 196 -33.09 -19.30 25.99
C THR A 196 -33.83 -18.05 25.85
N LEU A 197 -33.39 -17.42 24.79
CA LEU A 197 -33.96 -16.22 24.37
C LEU A 197 -34.07 -15.30 25.55
N ASP A 198 -32.96 -15.00 26.17
CA ASP A 198 -33.02 -14.03 27.24
C ASP A 198 -31.62 -13.68 27.66
N TRP A 199 -31.56 -12.44 28.23
CA TRP A 199 -30.38 -11.92 28.83
C TRP A 199 -29.64 -13.04 29.55
N ASP A 200 -28.33 -12.94 29.65
CA ASP A 200 -27.62 -14.05 30.27
C ASP A 200 -26.59 -13.62 31.30
N ASP A 201 -27.03 -13.87 32.53
CA ASP A 201 -26.35 -13.62 33.79
C ASP A 201 -24.83 -13.80 33.66
N LYS A 202 -24.39 -15.07 33.40
CA LYS A 202 -22.99 -15.30 33.14
C LYS A 202 -22.36 -13.99 32.68
N MET A 203 -22.64 -13.75 31.41
CA MET A 203 -22.23 -12.56 30.68
C MET A 203 -22.42 -11.30 31.48
N LEU A 204 -23.62 -11.20 31.96
CA LEU A 204 -24.07 -10.00 32.58
C LEU A 204 -23.16 -9.49 33.64
N GLU A 205 -22.88 -10.37 34.56
CA GLU A 205 -22.01 -9.99 35.62
C GLU A 205 -20.59 -10.13 35.10
N VAL A 206 -20.31 -11.26 34.45
CA VAL A 206 -18.95 -11.37 33.94
C VAL A 206 -18.50 -10.03 33.33
N LEU A 207 -19.40 -9.48 32.54
CA LEU A 207 -19.14 -8.25 31.87
C LEU A 207 -19.44 -7.11 32.80
N ASP A 208 -20.12 -7.51 33.82
CA ASP A 208 -20.43 -6.59 34.82
C ASP A 208 -21.33 -5.54 34.24
N ILE A 209 -22.55 -5.96 33.86
CA ILE A 209 -23.56 -5.02 33.34
C ILE A 209 -24.94 -5.16 33.99
N PRO A 210 -25.40 -4.05 34.64
CA PRO A 210 -26.69 -4.00 35.30
C PRO A 210 -27.85 -4.49 34.46
N ARG A 211 -28.68 -5.36 35.01
CA ARG A 211 -29.88 -5.82 34.34
C ARG A 211 -30.90 -4.70 34.06
N GLU A 212 -30.69 -3.52 34.70
CA GLU A 212 -31.49 -2.31 34.49
C GLU A 212 -31.50 -1.85 33.04
N MET A 213 -30.60 -0.90 32.70
CA MET A 213 -30.44 -0.32 31.37
C MET A 213 -30.71 -1.21 30.12
N LEU A 214 -30.99 -2.47 30.36
CA LEU A 214 -31.37 -3.44 29.34
C LEU A 214 -32.79 -3.27 28.78
N PRO A 215 -32.97 -3.40 27.47
CA PRO A 215 -34.33 -3.23 26.93
C PRO A 215 -35.11 -4.52 26.78
N GLU A 216 -36.45 -4.44 26.77
CA GLU A 216 -37.30 -5.63 26.63
C GLU A 216 -37.14 -6.30 25.28
N VAL A 217 -36.67 -7.51 25.28
CA VAL A 217 -36.46 -8.22 24.02
C VAL A 217 -37.75 -8.82 23.44
N ARG A 218 -37.99 -8.53 22.15
CA ARG A 218 -39.22 -9.01 21.49
C ARG A 218 -39.07 -9.68 20.14
N ARG A 219 -40.25 -10.05 19.63
CA ARG A 219 -40.45 -10.74 18.37
C ARG A 219 -40.25 -9.75 17.25
N SER A 220 -39.63 -10.17 16.16
CA SER A 220 -39.27 -9.24 15.13
C SER A 220 -40.43 -8.61 14.37
N SER A 221 -41.58 -9.22 14.52
CA SER A 221 -42.84 -8.81 13.87
C SER A 221 -43.96 -8.67 14.90
N GLU A 222 -43.98 -7.58 15.58
CA GLU A 222 -44.98 -7.48 16.59
C GLU A 222 -45.25 -6.04 16.84
N VAL A 223 -46.18 -5.75 17.67
CA VAL A 223 -46.48 -4.37 17.71
C VAL A 223 -46.05 -3.74 18.94
N TYR A 224 -44.98 -3.07 18.77
CA TYR A 224 -44.35 -2.49 19.91
C TYR A 224 -45.05 -1.19 20.43
N GLY A 225 -45.64 -0.34 19.55
CA GLY A 225 -46.29 0.90 20.03
C GLY A 225 -46.63 1.93 18.94
N GLN A 226 -46.93 3.18 19.31
CA GLN A 226 -47.28 4.09 18.25
C GLN A 226 -46.46 5.32 18.16
N THR A 227 -46.46 5.87 16.96
CA THR A 227 -45.76 7.11 16.70
C THR A 227 -46.62 8.25 16.34
N ASN A 228 -46.42 9.31 17.07
CA ASN A 228 -47.15 10.46 16.70
C ASN A 228 -46.28 11.35 15.83
N ILE A 229 -46.21 10.87 14.63
CA ILE A 229 -45.65 11.59 13.54
C ILE A 229 -46.68 12.66 13.32
N GLY A 230 -47.94 12.18 13.45
CA GLY A 230 -49.16 12.98 13.31
C GLY A 230 -49.24 13.66 11.94
N THR A 235 -51.90 11.84 14.93
CA THR A 235 -51.73 10.73 13.98
C THR A 235 -50.65 9.75 14.42
N ARG A 236 -51.09 8.73 15.18
CA ARG A 236 -50.23 7.73 15.72
C ARG A 236 -49.95 6.64 14.72
N ILE A 237 -48.68 6.48 14.45
CA ILE A 237 -48.37 5.44 13.54
C ILE A 237 -47.78 4.32 14.32
N PRO A 238 -47.67 3.22 13.65
CA PRO A 238 -47.16 2.02 14.29
C PRO A 238 -45.81 1.59 13.78
N ILE A 239 -45.20 0.79 14.64
CA ILE A 239 -43.88 0.19 14.52
C ILE A 239 -44.05 -1.28 14.77
N SER A 240 -44.07 -2.09 13.72
CA SER A 240 -44.35 -3.48 14.00
C SER A 240 -43.32 -4.46 13.52
N GLY A 241 -42.10 -3.97 13.40
CA GLY A 241 -41.03 -4.84 12.92
C GLY A 241 -39.65 -4.29 13.22
N ILE A 242 -38.81 -5.29 13.46
CA ILE A 242 -37.38 -5.19 13.68
C ILE A 242 -36.59 -6.28 12.99
N ALA A 243 -35.33 -5.98 12.84
CA ALA A 243 -34.38 -6.91 12.34
C ALA A 243 -33.14 -6.18 12.08
N GLY A 244 -32.10 -6.93 12.11
CA GLY A 244 -30.93 -6.23 11.82
C GLY A 244 -30.92 -6.16 10.33
N ASP A 245 -30.30 -5.09 9.86
CA ASP A 245 -30.21 -4.92 8.46
C ASP A 245 -29.94 -6.26 7.78
N GLN A 246 -28.87 -6.98 8.08
CA GLN A 246 -28.72 -8.19 7.29
C GLN A 246 -29.84 -9.25 7.24
N GLN A 247 -30.38 -9.55 8.40
CA GLN A 247 -31.38 -10.54 8.58
C GLN A 247 -32.62 -10.14 7.88
N ALA A 248 -32.86 -8.87 7.97
CA ALA A 248 -33.91 -8.29 7.19
C ALA A 248 -33.76 -8.76 5.75
N ALA A 249 -32.63 -8.43 5.20
CA ALA A 249 -32.44 -8.85 3.84
C ALA A 249 -32.49 -10.35 3.66
N LEU A 250 -32.55 -11.06 4.77
CA LEU A 250 -32.49 -12.46 4.55
C LEU A 250 -33.81 -12.96 3.96
N PHE A 251 -34.78 -12.35 4.68
CA PHE A 251 -36.21 -12.44 4.56
C PHE A 251 -36.80 -11.90 3.31
N GLY A 252 -36.40 -10.64 3.06
CA GLY A 252 -36.80 -9.82 1.93
C GLY A 252 -36.17 -10.31 0.65
N GLN A 253 -35.49 -11.46 0.77
CA GLN A 253 -34.81 -12.18 -0.29
C GLN A 253 -35.49 -13.55 -0.23
N LEU A 254 -36.25 -13.62 0.86
CA LEU A 254 -37.10 -14.74 1.14
C LEU A 254 -36.32 -15.99 1.48
N CYS A 255 -35.06 -15.86 1.93
CA CYS A 255 -34.35 -17.10 2.24
C CYS A 255 -34.98 -17.67 3.47
N VAL A 256 -36.06 -18.42 3.27
CA VAL A 256 -36.80 -18.78 4.44
C VAL A 256 -36.99 -20.30 4.58
N LYS A 257 -35.90 -21.00 4.40
CA LYS A 257 -35.91 -22.40 4.73
C LYS A 257 -34.53 -23.03 4.59
N GLU A 258 -34.31 -24.02 5.40
CA GLU A 258 -33.04 -24.66 5.37
C GLU A 258 -32.32 -24.56 4.02
N GLY A 259 -31.17 -23.88 3.93
CA GLY A 259 -30.39 -23.88 2.67
C GLY A 259 -30.60 -22.65 1.83
N MET A 260 -31.49 -21.77 2.28
CA MET A 260 -31.66 -20.56 1.54
C MET A 260 -30.54 -19.68 1.84
N ALA A 261 -29.83 -19.22 0.86
CA ALA A 261 -28.75 -18.32 1.28
C ALA A 261 -28.46 -17.12 0.36
N LYS A 262 -28.47 -15.93 1.00
CA LYS A 262 -28.11 -14.73 0.30
C LYS A 262 -26.73 -14.24 0.61
N ASN A 263 -26.18 -13.48 -0.32
CA ASN A 263 -24.98 -12.77 -0.03
C ASN A 263 -25.22 -11.31 -0.30
N THR A 264 -25.26 -10.61 0.74
CA THR A 264 -25.35 -9.21 0.58
C THR A 264 -23.99 -8.52 0.27
N TYR A 265 -24.10 -7.40 -0.41
CA TYR A 265 -22.98 -6.63 -0.80
C TYR A 265 -23.06 -5.18 -0.55
N GLY A 266 -22.79 -4.71 0.68
CA GLY A 266 -22.85 -3.26 1.01
C GLY A 266 -21.61 -2.69 1.70
N THR A 267 -21.81 -2.09 2.88
CA THR A 267 -20.66 -1.48 3.50
C THR A 267 -19.61 -2.55 3.77
N GLY A 268 -20.17 -3.68 4.21
CA GLY A 268 -19.45 -4.91 4.47
C GLY A 268 -20.14 -6.07 3.72
N CYS A 269 -19.74 -7.32 3.96
CA CYS A 269 -20.39 -8.47 3.31
C CYS A 269 -21.10 -9.40 4.27
N PHE A 270 -22.29 -9.80 3.96
CA PHE A 270 -22.86 -10.60 4.96
C PHE A 270 -23.60 -11.70 4.40
N MET A 271 -22.88 -12.73 4.16
CA MET A 271 -23.52 -13.87 3.63
C MET A 271 -24.16 -14.67 4.66
N LEU A 272 -25.46 -14.77 4.65
CA LEU A 272 -26.09 -15.60 5.68
C LEU A 272 -26.68 -16.85 5.11
N MET A 273 -27.07 -17.72 5.99
CA MET A 273 -27.63 -18.95 5.52
C MET A 273 -28.59 -19.58 6.48
N ASN A 274 -29.80 -19.86 6.00
CA ASN A 274 -30.89 -20.38 6.81
C ASN A 274 -30.80 -21.87 7.25
N THR A 275 -30.86 -22.07 8.61
CA THR A 275 -30.88 -23.35 9.31
C THR A 275 -32.27 -23.56 9.94
N GLY A 276 -32.92 -22.48 10.11
CA GLY A 276 -34.23 -22.59 10.60
C GLY A 276 -34.34 -22.77 12.08
N GLU A 277 -35.05 -23.86 12.42
CA GLU A 277 -35.43 -24.23 13.79
C GLU A 277 -34.27 -24.73 14.62
N LYS A 278 -33.54 -25.64 14.04
CA LYS A 278 -32.37 -26.14 14.63
C LYS A 278 -31.30 -25.07 14.42
N ALA A 279 -30.26 -25.11 15.20
CA ALA A 279 -29.25 -24.10 15.06
C ALA A 279 -27.84 -24.63 15.00
N VAL A 280 -27.32 -24.80 13.79
CA VAL A 280 -25.95 -25.25 13.64
C VAL A 280 -24.95 -24.45 14.45
N LYS A 281 -23.73 -25.07 14.67
CA LYS A 281 -22.57 -24.49 15.41
C LYS A 281 -21.34 -24.46 14.51
N SER A 282 -20.75 -23.24 14.37
CA SER A 282 -19.64 -23.03 13.46
C SER A 282 -18.38 -23.81 13.79
N GLU A 283 -17.88 -24.58 12.83
CA GLU A 283 -16.61 -25.20 13.06
C GLU A 283 -15.55 -24.42 12.39
N ASN A 284 -15.97 -23.51 11.58
CA ASN A 284 -15.00 -22.82 10.82
C ASN A 284 -15.08 -21.32 10.88
N GLY A 285 -15.29 -20.81 12.09
CA GLY A 285 -15.19 -19.39 12.25
C GLY A 285 -16.33 -18.61 11.75
N LEU A 286 -17.52 -19.22 11.72
CA LEU A 286 -18.75 -18.52 11.34
C LEU A 286 -19.66 -18.31 12.53
N LEU A 287 -20.75 -17.59 12.34
CA LEU A 287 -21.65 -17.33 13.44
C LEU A 287 -23.00 -17.94 13.29
N THR A 288 -23.46 -18.30 14.43
CA THR A 288 -24.70 -18.95 14.62
C THR A 288 -25.64 -17.90 15.08
N THR A 289 -26.62 -17.61 14.26
CA THR A 289 -27.50 -16.57 14.77
C THR A 289 -28.99 -16.78 14.45
N ILE A 290 -29.69 -15.91 15.12
CA ILE A 290 -31.09 -15.87 15.13
C ILE A 290 -31.63 -15.28 13.85
N ALA A 291 -32.49 -16.04 13.14
CA ALA A 291 -33.08 -15.56 11.90
C ALA A 291 -34.63 -15.41 12.02
N CYS A 292 -35.26 -14.97 10.93
CA CYS A 292 -36.72 -14.83 10.87
C CYS A 292 -37.29 -15.98 10.05
N GLY A 293 -38.28 -16.65 10.66
CA GLY A 293 -38.94 -17.76 10.04
C GLY A 293 -39.99 -17.21 9.17
N PRO A 294 -40.47 -18.04 8.32
CA PRO A 294 -41.46 -17.67 7.38
C PRO A 294 -42.61 -16.95 7.99
N THR A 295 -42.77 -16.95 9.30
CA THR A 295 -43.92 -16.21 9.83
C THR A 295 -43.49 -15.02 10.71
N GLY A 296 -42.18 -14.71 10.68
CA GLY A 296 -41.66 -13.67 11.55
C GLY A 296 -41.38 -14.31 12.92
N GLU A 297 -41.20 -15.63 12.85
CA GLU A 297 -40.90 -16.49 13.99
C GLU A 297 -39.44 -17.00 13.89
N VAL A 298 -38.74 -16.98 15.01
CA VAL A 298 -37.35 -17.43 15.15
C VAL A 298 -36.80 -18.56 14.23
N ASN A 299 -35.62 -18.31 13.75
CA ASN A 299 -34.94 -19.26 12.95
C ASN A 299 -33.46 -19.18 13.25
N TYR A 300 -32.70 -20.00 12.60
CA TYR A 300 -31.30 -19.84 12.81
C TYR A 300 -30.57 -19.68 11.56
N ALA A 301 -29.44 -19.04 11.74
CA ALA A 301 -28.62 -18.83 10.63
C ALA A 301 -27.17 -19.05 10.96
N LEU A 302 -26.51 -19.38 9.85
CA LEU A 302 -25.09 -19.50 9.65
C LEU A 302 -24.55 -18.26 9.01
N GLU A 303 -24.07 -17.29 9.77
CA GLU A 303 -23.57 -16.06 9.16
C GLU A 303 -22.07 -15.78 9.05
N GLY A 304 -21.53 -15.57 7.86
CA GLY A 304 -20.14 -15.04 7.73
C GLY A 304 -20.19 -13.46 7.67
N ALA A 305 -19.30 -12.73 8.35
CA ALA A 305 -19.37 -11.27 8.30
C ALA A 305 -18.08 -10.65 7.90
N VAL A 306 -18.12 -9.94 6.81
CA VAL A 306 -17.01 -9.27 6.25
C VAL A 306 -17.08 -7.86 6.57
N PHE A 307 -15.98 -7.32 7.04
CA PHE A 307 -16.02 -5.97 7.50
C PHE A 307 -16.01 -4.89 6.44
N MET A 308 -15.11 -5.06 5.47
CA MET A 308 -14.96 -4.07 4.45
C MET A 308 -15.38 -4.54 3.14
N ALA A 309 -16.21 -3.81 2.45
CA ALA A 309 -16.59 -4.25 1.11
C ALA A 309 -16.90 -3.01 0.22
N GLY A 310 -18.09 -2.38 0.22
CA GLY A 310 -18.22 -1.23 -0.60
C GLY A 310 -17.28 -0.19 -0.04
N ALA A 311 -17.30 -0.19 1.26
CA ALA A 311 -16.48 0.66 2.07
C ALA A 311 -15.12 0.87 1.44
N SER A 312 -14.55 -0.23 0.97
CA SER A 312 -13.24 -0.11 0.37
C SER A 312 -13.28 0.88 -0.81
N ILE A 313 -14.40 0.81 -1.54
CA ILE A 313 -14.64 1.65 -2.68
C ILE A 313 -14.90 3.10 -2.25
N GLN A 314 -15.75 3.36 -1.22
CA GLN A 314 -15.80 4.77 -0.82
C GLN A 314 -14.43 5.38 -0.62
N TRP A 315 -13.66 4.71 0.25
CA TRP A 315 -12.26 5.01 0.57
C TRP A 315 -11.46 5.51 -0.64
N LEU A 316 -11.54 4.58 -1.65
CA LEU A 316 -10.95 4.69 -2.93
C LEU A 316 -11.32 6.00 -3.54
N ARG A 317 -12.61 6.22 -3.36
CA ARG A 317 -13.24 7.43 -3.75
C ARG A 317 -12.94 8.61 -2.84
N ASP A 318 -13.46 8.57 -1.62
CA ASP A 318 -13.29 9.70 -0.73
C ASP A 318 -11.91 9.99 -0.18
N GLU A 319 -11.26 8.98 0.37
CA GLU A 319 -10.02 9.32 0.99
C GLU A 319 -8.93 9.30 0.00
N MET A 320 -8.81 8.20 -0.74
CA MET A 320 -7.75 8.08 -1.72
C MET A 320 -8.03 9.00 -2.85
N LYS A 321 -9.31 8.99 -3.30
CA LYS A 321 -9.78 9.83 -4.39
C LYS A 321 -9.38 9.39 -5.78
N LEU A 322 -9.27 8.11 -5.92
CA LEU A 322 -8.79 7.65 -7.18
C LEU A 322 -9.91 7.59 -8.24
N ILE A 323 -11.13 7.94 -7.82
CA ILE A 323 -12.38 7.93 -8.59
C ILE A 323 -13.35 8.90 -7.98
N ASN A 324 -14.39 9.27 -8.76
CA ASN A 324 -15.41 10.20 -8.26
C ASN A 324 -16.76 9.52 -8.02
N ASP A 325 -16.82 8.36 -8.60
CA ASP A 325 -18.01 7.62 -8.53
C ASP A 325 -17.81 6.18 -8.21
N ALA A 326 -18.51 5.65 -7.21
CA ALA A 326 -18.34 4.21 -7.03
C ALA A 326 -18.50 3.55 -8.36
N TYR A 327 -19.42 4.06 -9.07
CA TYR A 327 -19.70 3.63 -10.38
C TYR A 327 -18.44 3.42 -11.20
N ASP A 328 -17.68 4.51 -11.26
CA ASP A 328 -16.46 4.57 -12.02
C ASP A 328 -15.55 3.38 -11.86
N SER A 329 -15.67 2.74 -10.73
CA SER A 329 -14.77 1.63 -10.52
C SER A 329 -14.70 0.71 -11.71
N GLU A 330 -15.90 0.13 -12.06
CA GLU A 330 -16.07 -0.82 -13.16
C GLU A 330 -15.29 -0.39 -14.37
N TYR A 331 -15.49 0.87 -14.79
CA TYR A 331 -14.75 1.33 -15.92
C TYR A 331 -13.28 1.11 -15.84
N PHE A 332 -12.78 1.68 -14.82
CA PHE A 332 -11.37 1.66 -14.68
C PHE A 332 -10.75 0.31 -14.60
N ALA A 333 -11.56 -0.50 -14.03
CA ALA A 333 -11.11 -1.79 -13.77
C ALA A 333 -10.96 -2.57 -15.09
N THR A 334 -11.94 -2.44 -15.91
CA THR A 334 -11.89 -3.07 -17.18
C THR A 334 -10.83 -2.40 -18.02
N LYS A 335 -10.46 -1.20 -17.57
CA LYS A 335 -9.40 -0.49 -18.26
C LYS A 335 -8.08 -1.28 -18.26
N VAL A 336 -8.00 -2.31 -17.44
CA VAL A 336 -6.82 -3.17 -17.35
C VAL A 336 -7.18 -4.65 -17.49
N GLN A 337 -6.32 -5.38 -18.16
CA GLN A 337 -6.55 -6.81 -18.35
C GLN A 337 -6.59 -7.59 -17.08
N ASN A 338 -5.89 -7.05 -16.11
CA ASN A 338 -5.71 -7.68 -14.85
C ASN A 338 -5.17 -6.72 -13.82
N THR A 339 -4.89 -7.31 -12.68
CA THR A 339 -4.49 -6.57 -11.53
C THR A 339 -3.00 -6.55 -11.33
N ASN A 340 -2.32 -6.99 -12.37
CA ASN A 340 -0.87 -6.99 -12.40
C ASN A 340 -0.19 -7.49 -11.11
N GLY A 341 -0.75 -8.57 -10.51
CA GLY A 341 -0.23 -9.20 -9.26
C GLY A 341 -0.49 -8.44 -7.93
N VAL A 342 -1.15 -7.32 -8.06
CA VAL A 342 -1.35 -6.60 -6.88
C VAL A 342 -2.41 -7.28 -6.13
N TYR A 343 -2.27 -7.33 -4.85
CA TYR A 343 -3.36 -7.89 -4.03
C TYR A 343 -3.66 -6.85 -2.91
N VAL A 344 -4.91 -6.80 -2.49
CA VAL A 344 -5.22 -5.76 -1.56
C VAL A 344 -5.96 -6.30 -0.41
N VAL A 345 -5.64 -5.86 0.80
CA VAL A 345 -6.42 -6.40 1.90
C VAL A 345 -7.03 -5.36 2.87
N PRO A 346 -8.34 -5.25 2.71
CA PRO A 346 -9.22 -4.36 3.41
C PRO A 346 -9.35 -4.46 4.90
N ALA A 347 -8.25 -4.75 5.66
CA ALA A 347 -8.49 -4.78 7.13
C ALA A 347 -8.40 -3.40 7.68
N PHE A 348 -9.35 -2.63 7.42
CA PHE A 348 -9.15 -1.34 7.88
C PHE A 348 -9.54 -1.39 9.32
N THR A 349 -10.40 -2.36 9.62
CA THR A 349 -10.90 -2.67 10.96
C THR A 349 -10.52 -4.05 11.41
N GLY A 350 -9.34 -4.52 11.00
CA GLY A 350 -8.98 -5.88 11.26
C GLY A 350 -9.90 -6.80 10.47
N LEU A 351 -9.76 -8.10 10.74
CA LEU A 351 -10.42 -9.15 10.05
C LEU A 351 -11.75 -9.51 10.46
N GLY A 352 -12.04 -10.74 10.50
CA GLY A 352 -13.44 -11.06 10.71
C GLY A 352 -13.64 -12.41 10.14
N ALA A 353 -14.82 -12.85 10.04
CA ALA A 353 -14.95 -14.19 9.55
C ALA A 353 -14.17 -14.29 8.32
N PRO A 354 -13.61 -15.47 8.03
CA PRO A 354 -13.43 -16.67 8.85
C PRO A 354 -12.38 -16.45 9.93
N TYR A 355 -11.38 -15.58 9.61
CA TYR A 355 -10.25 -15.09 10.43
C TYR A 355 -10.43 -14.56 11.84
N TRP A 356 -11.09 -13.44 11.98
CA TRP A 356 -11.24 -12.84 13.27
C TRP A 356 -9.96 -12.31 13.86
N ASP A 357 -9.22 -11.49 13.13
CA ASP A 357 -8.01 -10.91 13.63
C ASP A 357 -8.08 -9.42 13.82
N PRO A 358 -8.63 -9.00 14.88
CA PRO A 358 -8.60 -7.66 15.31
C PRO A 358 -7.32 -6.89 15.12
N TYR A 359 -6.24 -7.53 14.73
CA TYR A 359 -5.06 -6.71 14.62
C TYR A 359 -4.48 -6.62 13.30
N ALA A 360 -5.21 -7.16 12.36
CA ALA A 360 -4.87 -7.03 10.97
C ALA A 360 -5.25 -5.57 10.67
N ARG A 361 -4.49 -4.98 9.74
CA ARG A 361 -4.64 -3.64 9.18
C ARG A 361 -4.67 -3.66 7.63
N GLY A 362 -5.35 -2.72 6.93
CA GLY A 362 -5.43 -2.83 5.48
C GLY A 362 -4.06 -2.94 4.80
N ALA A 363 -3.92 -3.67 3.66
CA ALA A 363 -2.60 -3.65 2.99
C ALA A 363 -2.48 -3.92 1.46
N ILE A 364 -1.47 -3.31 0.86
CA ILE A 364 -1.37 -3.56 -0.51
C ILE A 364 -0.15 -4.36 -0.75
N PHE A 365 -0.26 -5.23 -1.74
CA PHE A 365 0.82 -6.09 -2.06
C PHE A 365 1.24 -6.31 -3.50
N GLY A 366 2.51 -6.69 -3.62
CA GLY A 366 3.13 -7.04 -4.87
C GLY A 366 3.20 -5.87 -5.82
N LEU A 367 3.61 -4.72 -5.33
CA LEU A 367 3.71 -3.60 -6.22
C LEU A 367 4.99 -3.56 -7.01
N THR A 368 4.80 -3.39 -8.26
CA THR A 368 5.82 -3.28 -9.19
C THR A 368 5.76 -1.92 -9.72
N ARG A 369 6.78 -1.57 -10.45
CA ARG A 369 6.93 -0.25 -11.11
C ARG A 369 5.80 0.23 -12.07
N GLY A 370 5.33 -0.70 -12.96
CA GLY A 370 4.30 -0.46 -13.96
C GLY A 370 2.87 -0.62 -13.37
N VAL A 371 2.79 -1.00 -12.07
CA VAL A 371 1.47 -1.07 -11.45
C VAL A 371 0.87 0.31 -11.37
N ASN A 372 -0.45 0.44 -11.69
CA ASN A 372 -1.13 1.74 -11.60
C ASN A 372 -2.49 1.70 -10.94
N ALA A 373 -3.01 2.97 -10.81
CA ALA A 373 -4.22 3.30 -10.07
C ALA A 373 -5.26 2.34 -10.48
N ASN A 374 -5.20 2.09 -11.81
CA ASN A 374 -6.17 1.13 -12.30
C ASN A 374 -6.01 -0.19 -11.64
N HIS A 375 -4.78 -0.73 -11.67
CA HIS A 375 -4.59 -1.97 -11.00
C HIS A 375 -5.01 -1.91 -9.56
N ILE A 376 -4.58 -0.83 -8.90
CA ILE A 376 -5.01 -0.72 -7.54
C ILE A 376 -6.47 -0.93 -7.49
N ILE A 377 -7.10 -0.14 -8.34
CA ILE A 377 -8.54 -0.15 -8.24
C ILE A 377 -9.20 -1.50 -8.44
N ARG A 378 -8.68 -2.16 -9.40
CA ARG A 378 -9.26 -3.42 -9.67
C ARG A 378 -9.08 -4.33 -8.49
N ALA A 379 -7.87 -4.27 -7.95
CA ALA A 379 -7.54 -5.18 -6.88
C ALA A 379 -8.55 -5.06 -5.69
N THR A 380 -8.95 -3.81 -5.50
CA THR A 380 -9.87 -3.53 -4.46
C THR A 380 -11.21 -4.21 -4.62
N LEU A 381 -11.63 -4.32 -5.84
CA LEU A 381 -12.89 -4.98 -6.09
C LEU A 381 -12.81 -6.44 -5.93
N GLU A 382 -11.75 -6.94 -6.57
CA GLU A 382 -11.36 -8.35 -6.56
C GLU A 382 -11.28 -8.80 -5.09
N SER A 383 -10.63 -7.91 -4.30
CA SER A 383 -10.54 -8.15 -2.89
C SER A 383 -11.93 -8.59 -2.36
N ILE A 384 -12.98 -7.94 -2.84
CA ILE A 384 -14.30 -8.31 -2.40
C ILE A 384 -14.73 -9.74 -2.62
N ALA A 385 -14.49 -10.19 -3.84
CA ALA A 385 -14.84 -11.57 -4.21
C ALA A 385 -14.16 -12.64 -3.35
N TYR A 386 -12.86 -12.48 -3.25
CA TYR A 386 -12.02 -13.35 -2.46
C TYR A 386 -12.61 -13.72 -1.16
N GLN A 387 -12.89 -12.64 -0.45
CA GLN A 387 -13.49 -12.68 0.81
C GLN A 387 -14.69 -13.62 0.80
N THR A 388 -15.66 -13.23 -0.05
CA THR A 388 -16.89 -13.93 -0.20
C THR A 388 -16.63 -15.35 -0.40
N ARG A 389 -15.61 -15.67 -1.14
CA ARG A 389 -15.29 -17.08 -1.29
C ARG A 389 -14.83 -17.69 0.08
N ASP A 390 -13.77 -17.14 0.63
CA ASP A 390 -13.35 -17.53 1.97
C ASP A 390 -14.48 -17.89 2.89
N VAL A 391 -15.53 -17.09 2.83
CA VAL A 391 -16.54 -17.34 3.78
C VAL A 391 -17.45 -18.39 3.35
N LEU A 392 -17.70 -18.32 2.12
CA LEU A 392 -18.63 -19.27 1.63
C LEU A 392 -18.14 -20.72 1.88
N GLU A 393 -16.80 -20.92 1.72
CA GLU A 393 -16.22 -22.21 1.98
C GLU A 393 -16.64 -22.66 3.34
N ALA A 394 -16.42 -21.76 4.32
CA ALA A 394 -16.88 -21.95 5.67
C ALA A 394 -18.23 -22.49 5.64
N MET A 395 -19.05 -21.60 5.19
CA MET A 395 -20.43 -21.84 5.03
C MET A 395 -20.61 -23.28 4.65
N GLN A 396 -19.99 -23.74 3.59
CA GLN A 396 -20.17 -25.12 3.23
C GLN A 396 -19.73 -26.08 4.29
N ALA A 397 -18.45 -25.91 4.65
CA ALA A 397 -17.77 -26.71 5.65
C ALA A 397 -18.56 -26.69 6.96
N ASP A 398 -19.48 -25.78 7.08
CA ASP A 398 -20.28 -25.78 8.28
C ASP A 398 -21.70 -26.33 7.97
N SER A 399 -22.15 -26.03 6.79
CA SER A 399 -23.45 -26.46 6.30
C SER A 399 -23.49 -27.94 5.89
N GLY A 400 -22.37 -28.39 5.31
CA GLY A 400 -22.33 -29.70 4.71
C GLY A 400 -23.37 -29.59 3.58
N ILE A 401 -23.04 -28.69 2.64
CA ILE A 401 -23.87 -28.28 1.52
C ILE A 401 -23.10 -27.69 0.36
N ARG A 402 -23.61 -27.92 -0.83
CA ARG A 402 -23.00 -27.38 -2.00
C ARG A 402 -23.98 -26.42 -2.67
N LEU A 403 -23.60 -25.19 -2.83
CA LEU A 403 -24.55 -24.30 -3.43
C LEU A 403 -24.22 -24.25 -4.84
N HIS A 404 -25.19 -24.28 -5.69
CA HIS A 404 -24.68 -24.25 -7.03
C HIS A 404 -24.95 -22.90 -7.54
N ALA A 405 -25.64 -22.17 -6.67
CA ALA A 405 -25.95 -20.84 -6.99
C ALA A 405 -26.03 -19.97 -5.80
N LEU A 406 -25.41 -18.82 -5.95
CA LEU A 406 -25.39 -17.85 -4.90
C LEU A 406 -26.27 -16.67 -5.29
N ARG A 407 -27.25 -16.36 -4.43
CA ARG A 407 -28.13 -15.24 -4.68
C ARG A 407 -27.72 -14.05 -3.89
N VAL A 408 -27.35 -13.09 -4.62
CA VAL A 408 -26.85 -11.93 -3.96
C VAL A 408 -27.78 -10.80 -3.78
N ASP A 409 -27.17 -9.75 -3.30
CA ASP A 409 -27.84 -8.49 -3.21
C ASP A 409 -26.91 -7.43 -2.59
N GLY A 410 -27.44 -6.20 -2.59
CA GLY A 410 -26.77 -5.03 -2.13
C GLY A 410 -26.24 -4.09 -3.24
N GLY A 411 -25.95 -2.85 -2.77
CA GLY A 411 -25.38 -1.77 -3.50
C GLY A 411 -24.51 -2.26 -4.65
N ALA A 412 -23.40 -2.84 -4.32
CA ALA A 412 -22.53 -3.30 -5.37
C ALA A 412 -23.01 -4.35 -6.36
N VAL A 413 -24.18 -4.95 -6.19
CA VAL A 413 -24.45 -5.98 -7.18
C VAL A 413 -24.63 -5.35 -8.58
N ALA A 414 -24.75 -4.04 -8.56
CA ALA A 414 -24.77 -3.32 -9.81
C ALA A 414 -23.54 -3.52 -10.70
N ASN A 415 -22.39 -3.77 -10.06
CA ASN A 415 -21.09 -4.02 -10.68
C ASN A 415 -21.04 -5.36 -11.33
N ASN A 416 -20.91 -5.33 -12.58
CA ASN A 416 -20.95 -6.60 -13.23
C ASN A 416 -19.58 -7.21 -13.28
N PHE A 417 -18.63 -6.38 -13.51
CA PHE A 417 -17.31 -6.92 -13.49
C PHE A 417 -17.12 -7.84 -12.30
N LEU A 418 -17.52 -7.18 -11.19
CA LEU A 418 -17.47 -7.74 -9.94
C LEU A 418 -18.10 -9.05 -9.99
N MET A 419 -19.39 -8.95 -10.04
CA MET A 419 -20.31 -10.08 -10.16
C MET A 419 -19.74 -11.23 -10.97
N GLN A 420 -19.25 -10.86 -12.15
CA GLN A 420 -18.64 -11.75 -13.06
C GLN A 420 -17.48 -12.41 -12.44
N PHE A 421 -16.58 -11.54 -12.07
CA PHE A 421 -15.42 -11.99 -11.40
C PHE A 421 -15.93 -12.91 -10.28
N GLN A 422 -16.81 -12.36 -9.42
CA GLN A 422 -17.35 -13.09 -8.32
C GLN A 422 -17.61 -14.52 -8.68
N SER A 423 -18.48 -14.67 -9.64
CA SER A 423 -18.81 -16.01 -10.02
C SER A 423 -17.61 -16.75 -10.53
N ASP A 424 -16.79 -16.10 -11.33
CA ASP A 424 -15.64 -16.83 -11.85
C ASP A 424 -14.72 -17.43 -10.78
N ILE A 425 -14.70 -16.76 -9.68
CA ILE A 425 -13.84 -17.14 -8.58
C ILE A 425 -14.45 -18.23 -7.76
N LEU A 426 -15.75 -18.16 -7.57
CA LEU A 426 -16.50 -19.11 -6.84
C LEU A 426 -16.49 -20.46 -7.49
N GLY A 427 -16.66 -20.40 -8.81
CA GLY A 427 -16.91 -21.56 -9.61
C GLY A 427 -18.41 -21.88 -9.41
N THR A 428 -19.18 -20.82 -9.34
CA THR A 428 -20.58 -21.03 -9.07
C THR A 428 -21.40 -19.92 -9.70
N ARG A 429 -22.70 -20.14 -9.77
CA ARG A 429 -23.45 -19.14 -10.49
C ARG A 429 -24.03 -18.08 -9.57
N VAL A 430 -24.09 -16.84 -10.12
CA VAL A 430 -24.56 -15.69 -9.37
C VAL A 430 -25.88 -15.07 -9.86
N GLU A 431 -26.89 -15.15 -9.03
CA GLU A 431 -28.21 -14.71 -9.26
C GLU A 431 -28.55 -13.32 -8.90
N ARG A 432 -28.64 -12.40 -9.86
CA ARG A 432 -29.05 -11.08 -9.46
C ARG A 432 -30.54 -10.90 -9.64
N PRO A 433 -31.24 -10.70 -8.55
CA PRO A 433 -32.65 -10.47 -8.59
C PRO A 433 -33.00 -9.22 -9.36
N GLU A 434 -34.29 -9.05 -9.49
CA GLU A 434 -34.90 -7.91 -10.15
C GLU A 434 -34.98 -6.68 -9.21
N VAL A 435 -35.60 -6.84 -8.03
CA VAL A 435 -35.73 -5.76 -7.02
C VAL A 435 -34.44 -5.54 -6.26
N ARG A 436 -34.27 -4.34 -5.71
CA ARG A 436 -33.03 -4.16 -5.02
C ARG A 436 -33.10 -3.78 -3.54
N GLU A 437 -34.12 -3.04 -3.09
CA GLU A 437 -34.19 -2.70 -1.65
C GLU A 437 -34.63 -3.90 -0.88
N VAL A 438 -33.94 -5.01 -1.17
CA VAL A 438 -34.23 -6.31 -0.69
C VAL A 438 -34.43 -6.30 0.75
N THR A 439 -33.57 -5.45 1.33
CA THR A 439 -33.64 -5.20 2.74
C THR A 439 -34.99 -4.58 3.12
N ALA A 440 -35.09 -3.25 2.99
CA ALA A 440 -36.29 -2.49 3.36
C ALA A 440 -37.49 -3.32 3.09
N LEU A 441 -37.45 -3.92 1.89
CA LEU A 441 -38.43 -4.90 1.52
C LEU A 441 -38.94 -5.66 2.72
N GLY A 442 -38.09 -6.60 3.16
CA GLY A 442 -38.31 -7.40 4.37
C GLY A 442 -38.91 -6.55 5.52
N ALA A 443 -38.10 -5.65 6.11
CA ALA A 443 -38.54 -4.76 7.21
C ALA A 443 -40.00 -4.28 7.05
N ALA A 444 -40.26 -3.83 5.82
CA ALA A 444 -41.56 -3.45 5.44
C ALA A 444 -42.42 -4.70 5.72
N TYR A 445 -42.15 -5.89 5.03
CA TYR A 445 -42.97 -7.11 5.26
C TYR A 445 -43.31 -7.27 6.72
N LEU A 446 -42.59 -8.10 7.39
CA LEU A 446 -42.59 -8.10 8.84
C LEU A 446 -43.40 -6.96 9.54
N ALA A 447 -43.11 -5.69 9.24
CA ALA A 447 -43.85 -4.67 9.97
C ALA A 447 -45.36 -4.73 9.58
N GLY A 448 -45.58 -4.99 8.32
CA GLY A 448 -46.95 -5.07 7.87
C GLY A 448 -47.50 -6.47 8.01
N LEU A 449 -46.61 -7.45 7.84
CA LEU A 449 -47.00 -8.78 8.08
C LEU A 449 -47.50 -8.82 9.52
N ALA A 450 -46.89 -7.93 10.30
CA ALA A 450 -47.20 -7.70 11.68
C ALA A 450 -48.66 -7.29 11.91
N VAL A 451 -49.19 -6.52 10.95
CA VAL A 451 -50.51 -5.87 10.99
C VAL A 451 -51.59 -6.39 9.99
N GLY A 452 -51.39 -7.57 9.45
CA GLY A 452 -52.40 -8.02 8.53
C GLY A 452 -52.36 -7.17 7.28
N PHE A 453 -51.41 -6.24 7.18
CA PHE A 453 -51.28 -5.50 5.94
C PHE A 453 -50.88 -6.47 4.81
N TRP A 454 -50.58 -7.71 5.21
CA TRP A 454 -50.33 -8.86 4.40
C TRP A 454 -50.78 -10.05 5.18
N GLN A 455 -50.74 -11.19 4.58
CA GLN A 455 -51.11 -12.29 5.41
C GLN A 455 -50.61 -13.48 4.66
N ASN A 456 -49.31 -13.40 4.56
CA ASN A 456 -48.38 -14.39 4.01
C ASN A 456 -47.52 -13.82 2.89
N LEU A 457 -46.40 -14.52 2.63
CA LEU A 457 -45.35 -14.11 1.70
C LEU A 457 -45.51 -14.67 0.28
N ASP A 458 -46.22 -15.80 0.12
CA ASP A 458 -46.48 -16.34 -1.22
C ASP A 458 -47.10 -15.25 -2.11
N GLU A 459 -47.67 -14.23 -1.41
CA GLU A 459 -48.18 -12.98 -1.91
C GLU A 459 -47.10 -12.28 -2.72
N LEU A 460 -46.19 -11.71 -1.94
CA LEU A 460 -45.00 -10.96 -2.29
C LEU A 460 -44.04 -11.76 -3.19
N GLN A 461 -44.08 -13.06 -2.88
CA GLN A 461 -43.30 -14.15 -3.49
C GLN A 461 -42.82 -13.92 -4.90
N GLU A 462 -43.72 -13.31 -5.70
CA GLU A 462 -43.56 -13.06 -7.13
C GLU A 462 -42.54 -11.99 -7.43
N LYS A 463 -42.32 -11.19 -6.42
CA LYS A 463 -41.34 -10.17 -6.58
C LYS A 463 -39.90 -10.76 -6.58
N ALA A 464 -39.81 -12.05 -6.45
CA ALA A 464 -38.51 -12.63 -6.44
C ALA A 464 -38.10 -13.08 -7.82
N VAL A 465 -37.84 -12.12 -8.64
CA VAL A 465 -37.42 -12.43 -9.97
C VAL A 465 -35.97 -12.27 -10.22
N ILE A 466 -35.26 -13.34 -10.48
CA ILE A 466 -33.88 -13.01 -10.71
C ILE A 466 -33.73 -12.41 -12.13
N GLU A 467 -33.14 -11.24 -12.19
CA GLU A 467 -32.92 -10.61 -13.44
C GLU A 467 -31.62 -11.14 -14.07
N ARG A 468 -30.58 -11.00 -13.33
CA ARG A 468 -29.33 -11.35 -13.90
C ARG A 468 -28.72 -12.59 -13.37
N GLU A 469 -28.22 -13.35 -14.30
CA GLU A 469 -27.49 -14.52 -13.93
C GLU A 469 -26.07 -14.52 -14.50
N PHE A 470 -25.09 -14.65 -13.57
CA PHE A 470 -23.68 -14.74 -13.92
C PHE A 470 -23.14 -16.14 -13.78
N ARG A 471 -22.41 -16.50 -14.81
CA ARG A 471 -21.90 -17.79 -14.90
C ARG A 471 -20.43 -17.71 -15.05
N PRO A 472 -19.76 -18.58 -14.31
CA PRO A 472 -18.33 -18.75 -14.16
C PRO A 472 -17.66 -18.90 -15.46
N GLY A 473 -16.76 -17.99 -15.77
CA GLY A 473 -16.14 -18.05 -17.04
C GLY A 473 -14.68 -18.34 -17.00
N ILE A 474 -14.13 -18.63 -15.83
CA ILE A 474 -12.69 -18.93 -15.78
C ILE A 474 -12.37 -20.37 -15.39
N GLU A 475 -11.27 -20.86 -15.90
CA GLU A 475 -10.83 -22.16 -15.55
C GLU A 475 -10.50 -22.29 -14.07
N THR A 476 -10.56 -23.56 -13.66
CA THR A 476 -10.25 -24.07 -12.34
C THR A 476 -8.94 -23.55 -11.87
N THR A 477 -7.91 -23.97 -12.60
CA THR A 477 -6.58 -23.48 -12.35
C THR A 477 -6.61 -22.05 -11.86
N GLU A 478 -6.74 -21.17 -12.88
CA GLU A 478 -6.88 -19.78 -12.61
C GLU A 478 -7.37 -19.58 -11.18
N ARG A 479 -8.68 -19.91 -11.06
CA ARG A 479 -9.43 -19.82 -9.81
C ARG A 479 -8.53 -19.92 -8.60
N ASN A 480 -7.96 -21.08 -8.45
CA ASN A 480 -7.12 -21.33 -7.29
C ASN A 480 -5.79 -20.69 -7.41
N TYR A 481 -5.34 -20.55 -8.62
CA TYR A 481 -4.10 -19.88 -8.74
C TYR A 481 -4.12 -18.54 -7.97
N ARG A 482 -5.24 -17.87 -8.08
CA ARG A 482 -5.43 -16.56 -7.45
C ARG A 482 -5.79 -16.64 -6.01
N TYR A 483 -6.72 -17.54 -5.78
CA TYR A 483 -7.11 -17.70 -4.43
C TYR A 483 -5.82 -17.79 -3.60
N ALA A 484 -4.91 -18.55 -4.14
CA ALA A 484 -3.67 -18.77 -3.55
C ALA A 484 -3.01 -17.46 -3.20
N GLY A 485 -2.57 -16.72 -4.18
CA GLY A 485 -1.88 -15.49 -3.78
C GLY A 485 -2.69 -14.69 -2.81
N TRP A 486 -3.96 -14.84 -2.92
CA TRP A 486 -4.83 -14.08 -2.08
C TRP A 486 -4.51 -14.38 -0.66
N LYS A 487 -4.41 -15.67 -0.40
CA LYS A 487 -4.17 -16.19 0.94
C LYS A 487 -2.79 -15.77 1.37
N LYS A 488 -1.88 -16.01 0.41
CA LYS A 488 -0.55 -15.53 0.62
C LYS A 488 -0.57 -14.10 1.11
N ALA A 489 -1.55 -13.35 0.65
CA ALA A 489 -1.60 -12.00 1.07
C ALA A 489 -2.16 -11.90 2.46
N VAL A 490 -3.41 -12.32 2.61
CA VAL A 490 -4.08 -12.24 3.93
C VAL A 490 -3.09 -12.43 5.10
N LYS A 491 -2.38 -13.58 5.09
CA LYS A 491 -1.35 -13.91 6.06
C LYS A 491 -0.55 -12.67 6.39
N ARG A 492 0.25 -12.24 5.43
CA ARG A 492 1.04 -11.06 5.68
C ARG A 492 0.32 -9.90 6.28
N ALA A 493 -1.01 -9.92 6.39
CA ALA A 493 -1.67 -8.75 6.92
C ALA A 493 -2.15 -8.81 8.36
N MET A 494 -2.32 -10.10 8.74
CA MET A 494 -2.70 -10.54 10.10
C MET A 494 -1.70 -10.05 11.07
N ALA A 495 -2.23 -9.61 12.24
CA ALA A 495 -1.31 -9.19 13.30
C ALA A 495 -0.39 -8.01 12.96
N TRP A 496 -0.94 -6.98 12.39
CA TRP A 496 -0.06 -5.90 12.13
C TRP A 496 0.11 -5.13 13.45
N GLU A 497 -1.06 -4.81 13.98
CA GLU A 497 -1.16 -4.15 15.20
C GLU A 497 -0.52 -4.87 16.38
N GLU A 498 0.28 -4.06 17.06
CA GLU A 498 1.03 -4.42 18.27
C GLU A 498 0.12 -4.45 19.48
N HIS A 499 -0.07 -5.66 19.98
CA HIS A 499 -0.77 -5.91 21.29
C HIS A 499 0.30 -6.58 22.17
N GLU B 2 44.40 32.07 -21.29
CA GLU B 2 43.65 31.66 -22.50
C GLU B 2 42.45 30.74 -22.19
N LYS B 3 42.77 29.49 -21.77
CA LYS B 3 41.79 28.47 -21.45
C LYS B 3 41.26 28.62 -20.04
N LYS B 4 40.10 29.22 -19.99
CA LYS B 4 39.40 29.52 -18.79
C LYS B 4 38.38 28.45 -18.36
N TYR B 5 38.20 27.35 -19.06
CA TYR B 5 37.25 26.43 -18.47
C TYR B 5 37.50 24.98 -18.58
N ILE B 6 36.52 24.29 -18.02
CA ILE B 6 36.47 22.84 -17.90
C ILE B 6 35.06 22.37 -18.17
N VAL B 7 34.97 21.16 -18.67
CA VAL B 7 33.68 20.62 -18.99
C VAL B 7 33.45 19.24 -18.46
N ALA B 8 32.50 19.17 -17.51
CA ALA B 8 31.98 17.96 -16.85
C ALA B 8 30.91 17.31 -17.71
N LEU B 9 31.05 16.05 -18.00
CA LEU B 9 30.02 15.41 -18.79
C LEU B 9 29.31 14.37 -17.95
N ASP B 10 28.01 14.46 -17.92
CA ASP B 10 27.32 13.53 -17.10
C ASP B 10 26.26 12.73 -17.83
N GLN B 11 26.49 11.45 -17.90
CA GLN B 11 25.54 10.51 -18.46
C GLN B 11 24.81 9.86 -17.29
N GLY B 12 23.52 10.14 -17.19
CA GLY B 12 22.70 9.62 -16.10
C GLY B 12 21.65 8.58 -16.50
N THR B 13 21.05 7.99 -15.51
CA THR B 13 20.07 6.96 -15.74
C THR B 13 18.95 7.31 -16.71
N THR B 14 18.58 8.58 -16.74
CA THR B 14 17.44 9.10 -17.50
C THR B 14 17.74 10.28 -18.43
N SER B 15 18.90 10.91 -18.29
CA SER B 15 19.28 12.02 -19.13
C SER B 15 20.76 12.27 -19.26
N SER B 16 21.16 12.84 -20.36
CA SER B 16 22.55 13.24 -20.51
C SER B 16 22.69 14.76 -20.11
N ARG B 17 23.82 15.09 -19.46
CA ARG B 17 24.13 16.44 -19.05
C ARG B 17 25.53 16.84 -19.36
N ALA B 18 25.73 18.14 -19.38
CA ALA B 18 27.04 18.68 -19.62
C ALA B 18 27.18 19.97 -18.80
N VAL B 19 28.38 20.17 -18.24
CA VAL B 19 28.60 21.31 -17.36
C VAL B 19 29.93 22.04 -17.59
N VAL B 20 29.86 23.41 -17.51
CA VAL B 20 31.04 24.29 -17.55
C VAL B 20 31.32 25.14 -16.33
N MET B 21 32.55 25.20 -15.92
CA MET B 21 32.82 26.05 -14.80
C MET B 21 34.08 26.79 -14.92
N ASP B 22 34.08 27.92 -14.25
CA ASP B 22 35.27 28.71 -14.25
C ASP B 22 36.28 28.10 -13.31
N HIS B 23 37.49 28.68 -13.32
CA HIS B 23 38.56 28.28 -12.43
C HIS B 23 38.19 28.50 -11.00
N ASP B 24 37.28 29.45 -10.78
CA ASP B 24 36.81 29.63 -9.44
C ASP B 24 35.76 28.53 -9.19
N ALA B 25 35.66 27.65 -10.18
CA ALA B 25 34.83 26.50 -10.04
C ALA B 25 33.40 26.89 -9.99
N ASN B 26 33.01 27.79 -10.85
CA ASN B 26 31.63 28.21 -10.75
C ASN B 26 30.96 27.76 -11.99
N ILE B 27 29.81 27.24 -11.80
CA ILE B 27 29.06 26.67 -12.88
C ILE B 27 28.68 27.72 -13.91
N ILE B 28 29.53 27.72 -14.92
CA ILE B 28 29.41 28.57 -16.06
C ILE B 28 28.07 28.31 -16.76
N SER B 29 27.74 27.05 -16.98
CA SER B 29 26.45 26.73 -17.61
C SER B 29 26.05 25.24 -17.67
N VAL B 30 24.89 25.02 -18.23
CA VAL B 30 24.39 23.68 -18.32
C VAL B 30 23.78 23.30 -19.63
N SER B 31 23.90 22.05 -20.01
CA SER B 31 23.17 21.55 -21.16
C SER B 31 22.45 20.29 -20.66
N GLN B 32 21.29 19.89 -21.22
CA GLN B 32 20.60 18.74 -20.61
C GLN B 32 19.56 17.94 -21.43
N ARG B 33 19.93 16.87 -22.12
CA ARG B 33 18.85 16.21 -22.89
C ARG B 33 18.46 14.80 -22.38
N GLU B 34 17.18 14.67 -22.00
CA GLU B 34 16.52 13.43 -21.56
C GLU B 34 16.38 12.35 -22.63
N PHE B 35 16.67 11.08 -22.31
CA PHE B 35 16.51 10.03 -23.32
C PHE B 35 15.58 8.91 -22.80
N GLU B 36 15.14 8.04 -23.73
CA GLU B 36 14.12 6.99 -23.49
C GLU B 36 14.45 5.81 -22.59
N GLN B 37 13.63 5.76 -21.54
CA GLN B 37 13.65 4.70 -20.57
C GLN B 37 13.01 3.49 -21.13
N ILE B 38 13.76 2.58 -21.78
CA ILE B 38 13.11 1.33 -22.34
C ILE B 38 12.82 0.15 -21.40
N TYR B 39 11.55 -0.13 -21.19
CA TYR B 39 11.24 -1.26 -20.36
C TYR B 39 10.78 -2.37 -21.29
N PRO B 40 11.77 -3.02 -21.97
CA PRO B 40 11.44 -4.15 -22.84
C PRO B 40 10.25 -4.90 -22.22
N LYS B 41 10.43 -5.45 -21.02
CA LYS B 41 9.33 -6.11 -20.33
C LYS B 41 9.45 -5.75 -18.88
N PRO B 42 8.71 -6.41 -17.99
CA PRO B 42 8.81 -6.14 -16.55
C PRO B 42 10.16 -6.59 -15.93
N GLY B 43 10.75 -5.70 -15.14
CA GLY B 43 12.03 -5.96 -14.51
C GLY B 43 13.16 -5.54 -15.43
N TRP B 44 12.79 -5.23 -16.64
CA TRP B 44 13.74 -4.88 -17.65
C TRP B 44 13.78 -3.47 -18.10
N VAL B 45 15.01 -3.12 -18.35
CA VAL B 45 15.39 -1.84 -18.81
C VAL B 45 16.51 -1.87 -19.79
N GLU B 46 16.33 -1.02 -20.79
CA GLU B 46 17.36 -0.76 -21.73
C GLU B 46 17.36 0.68 -22.04
N HIS B 47 18.21 1.01 -22.98
CA HIS B 47 18.50 2.38 -23.43
C HIS B 47 19.08 2.34 -24.84
N ASP B 48 18.96 3.42 -25.59
CA ASP B 48 19.64 3.36 -26.86
C ASP B 48 21.05 3.91 -26.75
N PRO B 49 22.06 3.00 -26.78
CA PRO B 49 23.44 3.42 -26.63
C PRO B 49 23.70 4.61 -27.49
N MET B 50 23.02 4.67 -28.58
CA MET B 50 23.15 5.86 -29.38
C MET B 50 22.52 7.05 -28.66
N GLU B 51 21.23 6.87 -28.38
CA GLU B 51 20.33 7.79 -27.71
C GLU B 51 21.06 8.50 -26.58
N ILE B 52 21.78 7.68 -25.82
CA ILE B 52 22.60 8.05 -24.68
C ILE B 52 23.65 9.05 -25.13
N TRP B 53 24.30 8.60 -26.20
CA TRP B 53 25.37 9.27 -26.90
C TRP B 53 24.89 10.57 -27.48
N ALA B 54 24.06 10.45 -28.51
CA ALA B 54 23.49 11.59 -29.16
C ALA B 54 23.16 12.70 -28.15
N THR B 55 22.29 12.38 -27.19
CA THR B 55 21.95 13.34 -26.19
C THR B 55 23.18 14.13 -25.79
N GLN B 56 24.00 13.42 -25.02
CA GLN B 56 25.24 13.92 -24.44
C GLN B 56 26.03 14.84 -25.33
N SER B 57 26.36 14.36 -26.51
CA SER B 57 27.11 15.19 -27.43
C SER B 57 26.40 16.53 -27.59
N TRP B 58 25.07 16.48 -27.85
CA TRP B 58 24.27 17.69 -27.92
C TRP B 58 24.68 18.70 -26.93
N THR B 59 24.38 18.18 -25.78
CA THR B 59 24.57 18.72 -24.48
C THR B 59 25.88 19.49 -24.49
N LEU B 60 26.95 18.72 -24.68
CA LEU B 60 28.29 19.26 -24.77
C LEU B 60 28.29 20.59 -25.53
N VAL B 61 27.92 20.47 -26.79
CA VAL B 61 27.83 21.60 -27.69
C VAL B 61 26.90 22.71 -27.24
N GLU B 62 25.60 22.40 -27.10
CA GLU B 62 24.66 23.41 -26.70
C GLU B 62 25.26 24.42 -25.82
N VAL B 63 26.08 23.93 -24.86
CA VAL B 63 26.82 24.76 -23.92
C VAL B 63 27.77 25.75 -24.65
N LEU B 64 28.89 25.21 -25.15
CA LEU B 64 29.84 26.00 -25.92
C LEU B 64 29.15 27.22 -26.37
N ALA B 65 28.40 26.96 -27.42
CA ALA B 65 27.56 27.92 -28.02
C ALA B 65 26.73 28.67 -26.98
N LYS B 66 25.76 27.99 -26.35
CA LYS B 66 24.90 28.68 -25.39
C LYS B 66 25.59 29.54 -24.33
N ALA B 67 26.90 29.72 -24.41
CA ALA B 67 27.54 30.58 -23.46
C ALA B 67 28.63 31.29 -24.21
N ASP B 68 28.79 30.80 -25.44
CA ASP B 68 29.72 31.29 -26.42
C ASP B 68 31.21 31.02 -26.10
N ILE B 69 31.48 29.88 -25.42
CA ILE B 69 32.85 29.48 -25.15
C ILE B 69 33.37 28.68 -26.35
N SER B 70 34.65 28.83 -26.68
CA SER B 70 35.22 28.09 -27.79
C SER B 70 36.26 27.09 -27.31
N SER B 71 36.35 26.00 -28.05
CA SER B 71 37.23 24.89 -27.74
C SER B 71 38.59 25.29 -27.15
N ASP B 72 39.00 26.51 -27.50
CA ASP B 72 40.30 27.07 -27.09
C ASP B 72 40.34 27.68 -25.71
N GLN B 73 39.25 27.54 -24.97
CA GLN B 73 39.19 28.07 -23.64
C GLN B 73 38.85 27.09 -22.59
N ILE B 74 38.55 25.88 -22.96
CA ILE B 74 38.35 24.99 -21.87
C ILE B 74 39.50 24.01 -21.87
N ALA B 75 40.00 23.74 -20.66
CA ALA B 75 41.13 22.88 -20.44
C ALA B 75 40.92 21.45 -20.88
N ALA B 76 39.92 20.84 -20.25
CA ALA B 76 39.63 19.43 -20.47
C ALA B 76 38.21 19.03 -20.12
N ILE B 77 38.07 17.71 -20.10
CA ILE B 77 36.82 17.07 -19.91
C ILE B 77 36.80 16.05 -18.77
N GLY B 78 36.01 16.33 -17.72
CA GLY B 78 35.75 15.35 -16.67
C GLY B 78 34.61 14.44 -17.22
N ILE B 79 34.31 13.28 -16.61
CA ILE B 79 33.23 12.40 -17.12
C ILE B 79 32.56 11.48 -16.10
N THR B 80 31.21 11.50 -16.02
CA THR B 80 30.47 10.64 -15.08
C THR B 80 29.25 9.94 -15.62
N ASN B 81 28.83 8.92 -14.88
CA ASN B 81 27.75 8.13 -15.38
C ASN B 81 27.05 7.18 -14.44
N GLN B 82 25.99 6.66 -15.05
CA GLN B 82 25.20 5.66 -14.44
C GLN B 82 26.06 4.42 -14.46
N ARG B 83 25.89 3.63 -13.43
CA ARG B 83 26.87 2.66 -13.20
C ARG B 83 26.80 1.22 -13.56
N GLU B 84 25.72 0.55 -13.77
CA GLU B 84 26.11 -0.87 -13.99
C GLU B 84 25.97 -1.18 -15.43
N THR B 85 25.08 -0.38 -15.99
CA THR B 85 24.72 -0.26 -17.36
C THR B 85 25.92 -0.53 -18.25
N THR B 86 25.72 -1.68 -18.96
CA THR B 86 26.55 -2.43 -19.92
C THR B 86 26.39 -2.19 -21.44
N ILE B 87 27.51 -2.11 -22.12
CA ILE B 87 27.37 -2.03 -23.56
C ILE B 87 28.40 -2.93 -24.26
N VAL B 88 28.06 -3.34 -25.48
CA VAL B 88 28.93 -4.13 -26.35
C VAL B 88 28.67 -3.73 -27.80
N TRP B 89 29.72 -3.68 -28.57
CA TRP B 89 29.47 -3.27 -29.93
C TRP B 89 30.45 -3.78 -30.92
N GLU B 90 29.99 -3.75 -32.16
CA GLU B 90 30.86 -3.99 -33.26
C GLU B 90 31.82 -2.88 -33.26
N LYS B 91 33.10 -3.17 -33.32
CA LYS B 91 33.96 -2.02 -33.34
C LYS B 91 34.13 -1.57 -34.77
N GLU B 92 34.80 -2.34 -35.61
CA GLU B 92 34.87 -1.84 -36.96
C GLU B 92 33.64 -0.96 -37.23
N THR B 93 32.48 -1.63 -37.31
CA THR B 93 31.21 -0.98 -37.56
C THR B 93 31.05 0.18 -36.57
N GLY B 94 31.38 -0.12 -35.32
CA GLY B 94 31.30 0.84 -34.24
C GLY B 94 29.88 0.83 -33.73
N LYS B 95 29.24 -0.34 -33.89
CA LYS B 95 27.85 -0.47 -33.58
C LYS B 95 27.48 -1.46 -32.51
N PRO B 96 26.41 -1.10 -31.79
CA PRO B 96 25.90 -1.90 -30.73
C PRO B 96 25.20 -3.09 -31.31
N ILE B 97 25.39 -4.19 -30.66
CA ILE B 97 24.81 -5.39 -31.13
C ILE B 97 23.57 -5.66 -30.25
N TYR B 98 23.23 -4.62 -29.51
CA TYR B 98 22.11 -4.62 -28.58
C TYR B 98 22.10 -3.29 -27.74
N ASN B 99 20.91 -2.90 -27.24
CA ASN B 99 20.76 -1.73 -26.38
C ASN B 99 21.67 -1.85 -25.20
N ALA B 100 21.58 -0.92 -24.29
CA ALA B 100 22.38 -1.14 -23.11
C ALA B 100 21.55 -1.74 -21.96
N ILE B 101 22.15 -2.50 -21.11
CA ILE B 101 21.22 -2.89 -20.10
C ILE B 101 21.64 -2.24 -18.79
N VAL B 102 20.68 -1.50 -18.26
CA VAL B 102 20.91 -0.75 -17.06
C VAL B 102 20.93 -1.53 -15.77
N TRP B 103 21.72 -0.98 -14.87
CA TRP B 103 21.86 -1.55 -13.55
C TRP B 103 20.56 -1.90 -12.87
N GLN B 104 19.53 -1.23 -13.38
CA GLN B 104 18.15 -1.29 -12.94
C GLN B 104 17.48 -2.63 -13.20
N CYS B 105 17.79 -3.06 -14.42
CA CYS B 105 17.23 -4.22 -15.02
C CYS B 105 17.41 -5.51 -14.24
N ARG B 106 16.33 -6.21 -13.97
CA ARG B 106 16.50 -7.45 -13.27
C ARG B 106 16.39 -8.69 -14.14
N ARG B 107 16.72 -8.53 -15.44
CA ARG B 107 16.62 -9.60 -16.44
C ARG B 107 17.52 -10.83 -16.13
N THR B 108 18.69 -10.52 -15.49
CA THR B 108 19.79 -11.46 -15.08
C THR B 108 19.68 -12.03 -13.65
N ALA B 109 18.46 -12.42 -13.28
CA ALA B 109 18.20 -13.00 -11.97
C ALA B 109 18.57 -14.50 -11.91
N GLU B 110 18.05 -15.26 -12.91
CA GLU B 110 18.32 -16.70 -13.15
C GLU B 110 19.78 -17.05 -12.82
N ILE B 111 20.67 -16.58 -13.76
CA ILE B 111 22.11 -16.66 -13.67
C ILE B 111 22.56 -16.59 -12.22
N CYS B 112 22.19 -15.44 -11.63
CA CYS B 112 22.59 -15.15 -10.28
C CYS B 112 22.36 -16.39 -9.48
N GLU B 113 21.17 -16.94 -9.59
CA GLU B 113 20.84 -18.16 -8.87
C GLU B 113 21.81 -19.26 -9.08
N HIS B 114 22.16 -19.47 -10.33
CA HIS B 114 23.11 -20.50 -10.63
C HIS B 114 24.33 -20.24 -9.77
N LEU B 115 25.10 -19.19 -10.13
CA LEU B 115 26.26 -18.77 -9.37
C LEU B 115 26.11 -19.01 -7.92
N LYS B 116 24.97 -18.60 -7.51
CA LYS B 116 24.58 -18.72 -6.16
C LYS B 116 24.86 -20.10 -5.66
N ARG B 117 24.19 -21.06 -6.27
CA ARG B 117 24.35 -22.42 -5.79
C ARG B 117 25.82 -22.80 -5.64
N ASP B 118 26.56 -22.70 -6.72
CA ASP B 118 27.95 -23.08 -6.70
C ASP B 118 28.80 -22.25 -5.77
N GLY B 119 28.27 -21.97 -4.58
CA GLY B 119 28.91 -21.17 -3.53
C GLY B 119 30.04 -20.23 -3.97
N LEU B 120 29.75 -19.26 -4.85
CA LEU B 120 30.79 -18.30 -5.24
C LEU B 120 30.65 -16.98 -4.51
N GLU B 121 29.79 -17.05 -3.50
CA GLU B 121 29.57 -15.85 -2.76
C GLU B 121 30.89 -15.28 -2.39
N ASP B 122 31.48 -15.98 -1.43
CA ASP B 122 32.76 -15.62 -0.87
C ASP B 122 33.88 -15.31 -1.79
N TYR B 123 33.85 -15.82 -3.04
CA TYR B 123 34.87 -15.47 -4.01
C TYR B 123 34.66 -14.07 -4.59
N ILE B 124 33.40 -13.86 -4.94
CA ILE B 124 32.87 -12.61 -5.44
C ILE B 124 32.92 -11.55 -4.36
N ARG B 125 32.20 -11.87 -3.30
CA ARG B 125 32.14 -11.01 -2.16
C ARG B 125 33.57 -10.62 -1.83
N SER B 126 34.50 -11.54 -2.05
CA SER B 126 35.91 -11.33 -1.68
C SER B 126 36.85 -10.79 -2.76
N ASN B 127 36.46 -10.83 -3.99
CA ASN B 127 37.45 -10.35 -4.90
C ASN B 127 36.98 -9.15 -5.67
N THR B 128 35.72 -8.82 -5.33
CA THR B 128 34.95 -7.73 -5.92
C THR B 128 34.30 -6.79 -4.91
N GLY B 129 34.14 -7.29 -3.69
CA GLY B 129 33.51 -6.51 -2.65
C GLY B 129 32.05 -6.46 -2.98
N LEU B 130 31.72 -7.29 -3.97
CA LEU B 130 30.39 -7.30 -4.42
C LEU B 130 29.51 -8.21 -3.65
N VAL B 131 28.69 -8.92 -4.41
CA VAL B 131 27.64 -9.77 -3.88
C VAL B 131 27.01 -10.36 -5.11
N ILE B 132 26.13 -11.36 -4.95
CA ILE B 132 25.40 -11.89 -6.13
C ILE B 132 24.10 -11.09 -6.37
N ASP B 133 23.96 -10.59 -7.62
CA ASP B 133 22.80 -9.79 -7.94
C ASP B 133 22.79 -9.32 -9.36
N PRO B 134 21.57 -9.19 -9.91
CA PRO B 134 21.48 -8.80 -11.30
C PRO B 134 21.90 -7.35 -11.46
N TYR B 135 22.17 -6.69 -10.33
CA TYR B 135 22.65 -5.29 -10.31
C TYR B 135 23.95 -5.05 -11.18
N PHE B 136 24.97 -5.93 -10.98
CA PHE B 136 26.22 -5.78 -11.65
C PHE B 136 26.25 -6.54 -12.93
N SER B 137 26.88 -5.89 -13.92
CA SER B 137 27.06 -6.36 -15.29
C SER B 137 27.51 -7.80 -15.48
N GLY B 138 28.61 -8.18 -14.85
CA GLY B 138 29.04 -9.52 -15.04
C GLY B 138 27.96 -10.22 -15.84
N THR B 139 26.95 -10.62 -15.06
CA THR B 139 25.77 -11.35 -15.51
C THR B 139 25.11 -10.84 -16.77
N LYS B 140 24.92 -9.55 -16.76
CA LYS B 140 24.37 -8.89 -17.89
C LYS B 140 25.17 -9.32 -19.10
N VAL B 141 26.39 -8.74 -19.22
CA VAL B 141 27.29 -9.09 -20.35
C VAL B 141 26.97 -10.48 -20.88
N LYS B 142 27.17 -11.42 -19.96
CA LYS B 142 26.89 -12.77 -20.26
C LYS B 142 25.57 -12.79 -20.98
N TRP B 143 24.50 -12.47 -20.24
CA TRP B 143 23.17 -12.47 -20.81
C TRP B 143 23.19 -12.38 -22.31
N ILE B 144 23.72 -11.25 -22.71
CA ILE B 144 23.94 -11.02 -24.10
C ILE B 144 24.68 -12.12 -24.78
N LEU B 145 25.96 -12.21 -24.45
CA LEU B 145 26.84 -13.19 -25.01
C LEU B 145 26.07 -14.37 -25.52
N ASP B 146 25.50 -14.98 -24.54
CA ASP B 146 24.72 -16.12 -24.84
C ASP B 146 23.32 -15.66 -25.13
N HIS B 147 23.20 -14.82 -26.11
CA HIS B 147 21.91 -14.30 -26.45
C HIS B 147 22.02 -13.85 -27.84
N VAL B 148 23.27 -13.57 -28.14
CA VAL B 148 23.75 -13.16 -29.43
C VAL B 148 24.40 -14.38 -30.12
N GLU B 149 24.48 -14.31 -31.47
CA GLU B 149 24.97 -15.43 -32.26
C GLU B 149 26.48 -15.55 -32.37
N GLY B 150 27.09 -14.76 -33.27
CA GLY B 150 28.54 -14.83 -33.42
C GLY B 150 29.17 -14.64 -32.05
N SER B 151 28.82 -13.48 -31.54
CA SER B 151 29.22 -13.03 -30.24
C SER B 151 30.55 -13.57 -29.84
N ARG B 152 30.46 -14.50 -28.89
CA ARG B 152 31.60 -15.10 -28.23
C ARG B 152 32.80 -15.23 -29.17
N GLU B 153 32.56 -15.68 -30.41
CA GLU B 153 33.64 -15.76 -31.40
C GLU B 153 34.32 -14.41 -31.64
N ARG B 154 33.55 -13.57 -32.39
CA ARG B 154 33.91 -12.23 -32.79
C ARG B 154 34.57 -11.67 -31.58
N ALA B 155 33.89 -11.92 -30.46
CA ALA B 155 34.35 -11.58 -29.12
C ALA B 155 35.81 -11.95 -28.89
N ARG B 156 36.00 -13.28 -28.95
CA ARG B 156 37.28 -13.96 -28.88
C ARG B 156 38.33 -13.46 -29.87
N ARG B 157 37.92 -13.43 -31.14
CA ARG B 157 38.74 -12.84 -32.19
C ARG B 157 38.76 -11.28 -32.04
N GLY B 158 38.60 -10.83 -30.77
CA GLY B 158 38.56 -9.42 -30.42
C GLY B 158 37.80 -8.56 -31.41
N GLU B 159 36.74 -9.12 -32.04
CA GLU B 159 35.84 -8.44 -33.01
C GLU B 159 34.85 -7.44 -32.41
N LEU B 160 34.29 -7.92 -31.27
CA LEU B 160 33.31 -7.25 -30.41
C LEU B 160 33.94 -6.50 -29.24
N LEU B 161 33.25 -5.43 -28.84
CA LEU B 161 33.74 -4.62 -27.75
C LEU B 161 32.80 -4.55 -26.59
N PHE B 162 33.34 -4.16 -25.44
CA PHE B 162 32.47 -4.03 -24.28
C PHE B 162 32.91 -2.81 -23.52
N GLY B 163 31.95 -2.04 -23.07
CA GLY B 163 32.22 -0.85 -22.33
C GLY B 163 31.18 -0.61 -21.26
N THR B 164 31.32 0.53 -20.68
CA THR B 164 30.42 1.00 -19.67
C THR B 164 30.15 2.41 -20.01
N VAL B 165 28.91 2.82 -19.88
CA VAL B 165 28.58 4.19 -20.18
C VAL B 165 29.85 5.03 -20.45
N ASP B 166 30.76 5.16 -19.46
CA ASP B 166 32.03 5.89 -19.70
C ASP B 166 32.82 5.25 -20.83
N THR B 167 33.14 3.96 -20.69
CA THR B 167 33.83 3.25 -21.72
C THR B 167 33.40 3.71 -23.09
N TRP B 168 32.14 3.37 -23.32
CA TRP B 168 31.49 3.64 -24.56
C TRP B 168 31.68 5.09 -24.98
N LEU B 169 31.29 5.92 -24.08
CA LEU B 169 31.40 7.33 -24.25
C LEU B 169 32.66 7.79 -24.89
N ILE B 170 33.74 7.19 -24.46
CA ILE B 170 35.06 7.56 -24.91
C ILE B 170 35.33 7.14 -26.33
N TRP B 171 35.28 5.84 -26.49
CA TRP B 171 35.48 5.28 -27.76
C TRP B 171 35.04 6.36 -28.77
N LYS B 172 33.77 6.77 -28.64
CA LYS B 172 33.15 7.82 -29.43
C LYS B 172 34.03 9.02 -29.61
N MET B 173 34.08 9.90 -28.58
CA MET B 173 34.92 11.10 -28.56
C MET B 173 36.21 11.04 -29.33
N THR B 174 36.99 10.03 -28.91
CA THR B 174 38.28 9.66 -29.47
C THR B 174 38.13 8.79 -30.69
N GLN B 175 36.92 8.67 -31.18
CA GLN B 175 36.70 7.90 -32.38
C GLN B 175 37.37 6.52 -32.38
N GLY B 176 36.98 5.65 -31.44
CA GLY B 176 37.55 4.32 -31.42
C GLY B 176 39.06 4.28 -31.19
N ARG B 177 39.63 5.40 -30.75
CA ARG B 177 41.06 5.47 -30.48
C ARG B 177 41.45 4.82 -29.14
N VAL B 178 40.71 5.13 -28.08
CA VAL B 178 41.04 4.61 -26.77
C VAL B 178 39.91 3.76 -26.18
N HIS B 179 40.32 2.58 -25.60
CA HIS B 179 39.43 1.61 -24.95
C HIS B 179 39.77 1.37 -23.47
N VAL B 180 39.43 2.39 -22.66
CA VAL B 180 39.72 2.38 -21.24
C VAL B 180 38.43 2.53 -20.41
N THR B 181 38.63 2.48 -19.11
CA THR B 181 37.65 2.66 -18.06
C THR B 181 38.42 3.17 -16.81
N ASP B 182 37.75 3.34 -15.69
CA ASP B 182 38.49 3.70 -14.52
C ASP B 182 38.12 2.62 -13.57
N TYR B 183 38.73 2.63 -12.42
CA TYR B 183 38.56 1.61 -11.41
C TYR B 183 37.21 1.60 -10.77
N THR B 184 36.80 2.80 -10.37
CA THR B 184 35.53 3.02 -9.75
C THR B 184 34.51 2.34 -10.59
N ASN B 185 34.58 2.74 -11.86
CA ASN B 185 33.73 2.18 -12.85
C ASN B 185 34.00 0.68 -12.99
N ALA B 186 35.28 0.37 -13.33
CA ALA B 186 35.70 -1.01 -13.49
C ALA B 186 35.04 -1.80 -12.37
N SER B 187 35.48 -1.49 -11.13
CA SER B 187 34.95 -2.13 -9.96
C SER B 187 33.69 -2.85 -10.28
N ARG B 188 32.67 -2.04 -10.37
CA ARG B 188 31.27 -2.33 -10.61
C ARG B 188 30.83 -3.61 -11.33
N THR B 189 31.51 -3.96 -12.41
CA THR B 189 31.24 -5.12 -13.27
C THR B 189 31.05 -6.51 -12.64
N MET B 190 31.61 -6.63 -11.45
CA MET B 190 31.66 -7.91 -10.77
C MET B 190 32.44 -8.88 -11.66
N LEU B 191 33.56 -8.35 -12.11
CA LEU B 191 34.54 -9.08 -12.84
C LEU B 191 35.81 -8.23 -12.83
N PHE B 192 36.37 -8.10 -11.63
CA PHE B 192 37.56 -7.31 -11.48
C PHE B 192 38.10 -7.48 -10.08
N ASN B 193 39.42 -7.63 -9.97
CA ASN B 193 39.92 -7.79 -8.67
C ASN B 193 40.29 -6.52 -8.12
N ILE B 194 39.73 -6.27 -6.98
CA ILE B 194 39.96 -5.01 -6.39
C ILE B 194 41.17 -4.91 -5.48
N HIS B 195 41.76 -5.96 -5.00
CA HIS B 195 43.00 -5.71 -4.30
C HIS B 195 44.01 -6.24 -5.20
N THR B 196 43.68 -6.08 -6.44
CA THR B 196 44.45 -6.59 -7.52
C THR B 196 44.44 -5.61 -8.59
N LEU B 197 43.35 -4.93 -8.60
CA LEU B 197 43.24 -3.94 -9.58
C LEU B 197 43.36 -4.56 -10.95
N ASP B 198 42.55 -5.59 -11.17
CA ASP B 198 42.53 -6.13 -12.51
C ASP B 198 41.43 -7.16 -12.74
N TRP B 199 41.03 -7.29 -14.04
CA TRP B 199 40.08 -8.26 -14.54
C TRP B 199 40.32 -9.52 -13.73
N ASP B 200 39.42 -10.53 -13.73
CA ASP B 200 39.61 -11.70 -12.84
C ASP B 200 39.24 -13.06 -13.38
N ASP B 201 40.19 -13.70 -14.03
CA ASP B 201 40.01 -15.02 -14.61
C ASP B 201 38.83 -15.79 -14.01
N LYS B 202 38.85 -16.00 -12.68
CA LYS B 202 37.74 -16.69 -12.03
C LYS B 202 36.42 -16.42 -12.73
N MET B 203 35.95 -15.20 -12.48
CA MET B 203 34.76 -14.62 -13.09
C MET B 203 34.74 -14.72 -14.60
N LEU B 204 35.79 -14.10 -15.16
CA LEU B 204 36.01 -14.01 -16.57
C LEU B 204 35.54 -15.25 -17.21
N GLU B 205 36.19 -16.31 -16.83
CA GLU B 205 35.79 -17.55 -17.38
C GLU B 205 34.47 -18.00 -16.73
N VAL B 206 34.39 -18.00 -15.40
CA VAL B 206 33.18 -18.46 -14.73
C VAL B 206 31.94 -17.90 -15.41
N LEU B 207 32.11 -16.67 -15.85
CA LEU B 207 31.07 -15.95 -16.52
C LEU B 207 31.12 -16.16 -18.00
N ASP B 208 32.27 -16.67 -18.42
CA ASP B 208 32.47 -17.02 -19.81
C ASP B 208 32.45 -15.75 -20.65
N ILE B 209 33.59 -15.05 -20.61
CA ILE B 209 33.82 -13.82 -21.37
C ILE B 209 35.28 -13.58 -21.84
N PRO B 210 35.45 -13.49 -23.17
CA PRO B 210 36.74 -13.20 -23.79
C PRO B 210 37.48 -12.01 -23.20
N ARG B 211 38.71 -12.25 -22.77
CA ARG B 211 39.44 -11.13 -22.24
C ARG B 211 39.63 -10.01 -23.25
N GLU B 212 39.32 -10.31 -24.52
CA GLU B 212 39.42 -9.40 -25.66
C GLU B 212 38.72 -8.08 -25.47
N MET B 213 37.40 -8.15 -25.60
CA MET B 213 36.50 -7.01 -25.49
C MET B 213 36.59 -6.10 -24.28
N LEU B 214 37.45 -6.45 -23.29
CA LEU B 214 37.66 -5.66 -22.09
C LEU B 214 38.56 -4.45 -22.34
N PRO B 215 38.25 -3.34 -21.69
CA PRO B 215 38.99 -2.11 -21.90
C PRO B 215 40.15 -1.94 -20.98
N GLU B 216 41.03 -1.07 -21.38
CA GLU B 216 42.15 -0.78 -20.54
C GLU B 216 41.77 0.02 -19.28
N VAL B 217 41.57 -0.67 -18.13
CA VAL B 217 41.18 -0.03 -16.86
C VAL B 217 42.24 0.92 -16.27
N ARG B 218 41.96 2.24 -16.30
CA ARG B 218 42.89 3.29 -15.86
C ARG B 218 42.59 4.00 -14.57
N ARG B 219 43.45 4.98 -14.24
CA ARG B 219 43.25 5.73 -13.02
C ARG B 219 42.10 6.66 -13.22
N SER B 220 41.57 7.22 -12.16
CA SER B 220 40.37 8.04 -12.36
C SER B 220 40.71 9.50 -12.69
N SER B 221 41.92 9.94 -12.30
CA SER B 221 42.43 11.29 -12.58
C SER B 221 43.70 11.22 -13.41
N GLU B 222 43.56 11.02 -14.72
CA GLU B 222 44.67 10.85 -15.65
C GLU B 222 44.28 11.08 -17.12
N VAL B 223 45.29 11.28 -17.95
CA VAL B 223 45.04 11.59 -19.34
C VAL B 223 45.00 10.37 -20.24
N TYR B 224 43.76 10.18 -20.71
CA TYR B 224 43.29 9.10 -21.54
C TYR B 224 43.35 9.36 -23.04
N GLY B 225 43.15 10.64 -23.44
CA GLY B 225 43.23 11.03 -24.86
C GLY B 225 42.69 12.42 -25.23
N GLN B 226 42.60 12.66 -26.57
CA GLN B 226 42.11 13.93 -27.12
C GLN B 226 40.81 13.86 -27.91
N THR B 227 40.04 14.91 -27.79
CA THR B 227 38.83 14.94 -28.57
C THR B 227 38.77 16.08 -29.56
N ASN B 228 38.61 15.74 -30.82
CA ASN B 228 38.55 16.87 -31.69
C ASN B 228 37.13 17.34 -31.91
N ILE B 229 36.73 18.16 -30.97
CA ILE B 229 35.48 18.87 -31.00
C ILE B 229 35.72 19.98 -31.99
N GLY B 230 36.92 20.53 -31.83
CA GLY B 230 37.40 21.60 -32.66
C GLY B 230 36.44 22.77 -32.57
N THR B 235 40.89 21.44 -33.01
CA THR B 235 40.87 21.80 -31.58
C THR B 235 40.62 20.59 -30.70
N ARG B 236 41.75 20.03 -30.25
CA ARG B 236 41.82 18.82 -29.45
C ARG B 236 41.74 19.05 -27.93
N ILE B 237 40.58 18.62 -27.39
CA ILE B 237 40.30 18.68 -25.97
C ILE B 237 40.54 17.32 -25.31
N PRO B 238 40.96 17.49 -24.09
CA PRO B 238 41.33 16.43 -23.22
C PRO B 238 40.19 15.89 -22.40
N ILE B 239 40.46 14.68 -22.01
CA ILE B 239 39.57 13.89 -21.26
C ILE B 239 40.38 13.28 -20.14
N SER B 240 40.43 13.95 -19.00
CA SER B 240 41.21 13.46 -17.88
C SER B 240 40.34 13.12 -16.68
N GLY B 241 39.07 12.91 -16.94
CA GLY B 241 38.14 12.55 -15.88
C GLY B 241 37.45 11.22 -16.15
N ILE B 242 37.27 10.41 -15.07
CA ILE B 242 36.55 9.14 -15.02
C ILE B 242 36.32 8.58 -13.60
N ALA B 243 35.02 8.49 -13.24
CA ALA B 243 34.46 7.88 -12.02
C ALA B 243 32.95 7.62 -12.22
N GLY B 244 32.37 6.57 -11.64
CA GLY B 244 30.92 6.43 -11.77
C GLY B 244 30.26 7.61 -11.02
N ASP B 245 29.12 8.08 -11.47
CA ASP B 245 28.53 9.19 -10.78
C ASP B 245 28.71 9.11 -9.26
N GLN B 246 28.41 7.99 -8.64
CA GLN B 246 28.56 7.94 -7.18
C GLN B 246 29.94 8.44 -6.62
N GLN B 247 31.01 7.80 -7.13
CA GLN B 247 32.37 8.05 -6.82
C GLN B 247 32.58 9.52 -6.91
N ALA B 248 32.21 9.93 -8.10
CA ALA B 248 32.09 11.31 -8.57
C ALA B 248 31.51 12.30 -7.56
N ALA B 249 30.30 12.02 -7.09
CA ALA B 249 29.66 12.85 -6.11
C ALA B 249 30.46 12.72 -4.84
N LEU B 250 31.03 11.56 -4.62
CA LEU B 250 31.78 11.39 -3.42
C LEU B 250 32.99 12.29 -3.34
N PHE B 251 33.54 12.42 -4.48
CA PHE B 251 34.70 13.21 -4.64
C PHE B 251 34.33 14.64 -4.72
N GLY B 252 33.25 14.88 -5.47
CA GLY B 252 32.69 16.16 -5.71
C GLY B 252 32.09 16.70 -4.42
N GLN B 253 31.95 15.80 -3.45
CA GLN B 253 31.41 16.17 -2.15
C GLN B 253 32.58 16.24 -1.22
N LEU B 254 33.70 15.97 -1.86
CA LEU B 254 35.04 16.01 -1.28
C LEU B 254 35.29 14.97 -0.22
N CYS B 255 34.55 13.90 -0.26
CA CYS B 255 34.84 12.90 0.75
C CYS B 255 36.13 12.20 0.36
N VAL B 256 37.25 12.83 0.64
CA VAL B 256 38.39 12.21 0.07
C VAL B 256 39.44 11.79 1.09
N LYS B 257 38.94 11.16 2.18
CA LYS B 257 39.79 10.55 3.22
C LYS B 257 39.07 9.81 4.31
N GLU B 258 39.35 8.52 4.46
CA GLU B 258 38.75 7.68 5.54
C GLU B 258 37.68 8.35 6.43
N GLY B 259 36.45 7.73 6.51
CA GLY B 259 35.32 8.20 7.36
C GLY B 259 34.48 9.38 6.81
N MET B 260 34.92 9.89 5.64
CA MET B 260 34.22 10.88 4.86
C MET B 260 33.04 10.20 4.17
N ALA B 261 31.83 10.73 4.35
CA ALA B 261 30.73 10.07 3.68
C ALA B 261 29.54 10.99 3.33
N LYS B 262 29.04 10.73 2.14
CA LYS B 262 27.89 11.41 1.61
C LYS B 262 26.71 10.48 1.39
N ASN B 263 25.55 11.04 1.53
CA ASN B 263 24.40 10.28 1.15
C ASN B 263 23.73 11.01 -0.01
N THR B 264 23.57 10.28 -1.07
CA THR B 264 22.99 10.88 -2.23
C THR B 264 21.59 10.38 -2.36
N TYR B 265 20.71 11.35 -2.74
CA TYR B 265 19.30 11.17 -2.90
C TYR B 265 18.78 11.43 -4.30
N GLY B 266 18.91 10.47 -5.18
CA GLY B 266 18.41 10.61 -6.55
C GLY B 266 17.38 9.53 -6.93
N THR B 267 17.57 8.90 -8.06
CA THR B 267 16.64 7.88 -8.50
C THR B 267 16.48 6.77 -7.43
N GLY B 268 17.62 6.48 -6.77
CA GLY B 268 17.68 5.54 -5.71
C GLY B 268 18.59 6.24 -4.81
N CYS B 269 19.05 5.57 -3.74
CA CYS B 269 19.92 6.17 -2.76
C CYS B 269 21.26 5.50 -2.68
N PHE B 270 22.29 6.33 -2.55
CA PHE B 270 23.64 5.78 -2.42
C PHE B 270 24.45 6.57 -1.47
N MET B 271 24.71 5.88 -0.38
CA MET B 271 25.53 6.38 0.70
C MET B 271 26.90 5.65 0.66
N LEU B 272 27.91 6.45 0.32
CA LEU B 272 29.24 5.92 0.26
C LEU B 272 30.13 6.49 1.36
N MET B 273 31.11 5.69 1.69
CA MET B 273 32.01 5.98 2.77
C MET B 273 33.41 5.65 2.41
N ASN B 274 34.34 6.55 2.75
CA ASN B 274 35.80 6.38 2.44
C ASN B 274 36.64 5.58 3.48
N THR B 275 37.35 4.61 2.94
CA THR B 275 38.25 3.79 3.69
C THR B 275 39.64 4.13 3.19
N GLY B 276 39.65 5.23 2.45
CA GLY B 276 40.82 5.76 1.83
C GLY B 276 41.56 4.66 1.12
N GLU B 277 42.58 4.15 1.82
CA GLU B 277 43.51 3.16 1.32
C GLU B 277 43.16 1.69 1.43
N LYS B 278 42.29 1.29 2.38
CA LYS B 278 41.94 -0.11 2.52
C LYS B 278 40.55 -0.47 2.21
N ALA B 279 40.45 -1.61 1.58
CA ALA B 279 39.17 -2.14 1.33
C ALA B 279 38.64 -2.80 2.61
N VAL B 280 37.55 -2.30 3.23
CA VAL B 280 37.06 -3.13 4.33
C VAL B 280 35.89 -4.02 3.87
N LYS B 281 35.79 -5.18 4.48
CA LYS B 281 34.79 -6.13 4.06
C LYS B 281 33.50 -5.94 4.79
N SER B 282 32.39 -5.94 4.04
CA SER B 282 31.11 -5.77 4.68
C SER B 282 30.54 -7.02 5.34
N GLU B 283 30.20 -6.90 6.59
CA GLU B 283 29.66 -8.02 7.33
C GLU B 283 28.16 -7.93 7.35
N ASN B 284 27.75 -6.76 6.97
CA ASN B 284 26.36 -6.51 7.07
C ASN B 284 25.78 -6.10 5.73
N GLY B 285 26.02 -6.93 4.75
CA GLY B 285 25.42 -6.68 3.45
C GLY B 285 25.55 -5.31 2.77
N LEU B 286 26.74 -4.71 2.86
CA LEU B 286 27.06 -3.49 2.12
C LEU B 286 28.11 -3.84 1.06
N LEU B 287 28.60 -2.83 0.44
CA LEU B 287 29.57 -3.10 -0.58
C LEU B 287 30.90 -2.45 -0.36
N THR B 288 31.88 -3.22 -0.78
CA THR B 288 33.25 -2.82 -0.80
C THR B 288 33.60 -2.33 -2.20
N THR B 289 33.99 -1.06 -2.29
CA THR B 289 34.22 -0.67 -3.65
C THR B 289 35.31 0.37 -3.79
N ILE B 290 35.83 0.39 -5.03
CA ILE B 290 36.88 1.27 -5.47
C ILE B 290 36.39 2.67 -5.54
N ALA B 291 37.26 3.59 -5.30
CA ALA B 291 36.87 4.97 -5.30
C ALA B 291 38.03 5.85 -5.76
N CYS B 292 37.89 7.13 -5.48
CA CYS B 292 38.92 8.06 -5.79
C CYS B 292 39.53 8.61 -4.56
N GLY B 293 40.83 8.48 -4.56
CA GLY B 293 41.65 9.07 -3.54
C GLY B 293 41.93 10.49 -4.03
N PRO B 294 42.32 11.34 -3.12
CA PRO B 294 42.61 12.75 -3.38
C PRO B 294 43.50 13.13 -4.57
N THR B 295 43.74 12.22 -5.53
CA THR B 295 44.51 12.59 -6.72
C THR B 295 43.98 11.84 -7.96
N GLY B 296 42.94 11.00 -7.78
CA GLY B 296 42.36 10.26 -8.90
C GLY B 296 42.78 8.78 -8.84
N GLU B 297 43.33 8.51 -7.67
CA GLU B 297 43.92 7.24 -7.33
C GLU B 297 43.10 6.39 -6.42
N VAL B 298 43.09 5.07 -6.78
CA VAL B 298 42.33 4.07 -6.08
C VAL B 298 42.18 4.34 -4.61
N ASN B 299 41.00 4.05 -4.12
CA ASN B 299 40.69 4.21 -2.74
C ASN B 299 39.69 3.23 -2.43
N TYR B 300 39.23 3.20 -1.22
CA TYR B 300 38.22 2.26 -1.03
C TYR B 300 37.09 2.90 -0.43
N ALA B 301 36.07 2.10 -0.46
CA ALA B 301 34.82 2.56 -0.04
C ALA B 301 33.87 1.50 0.26
N LEU B 302 33.07 1.92 1.25
CA LEU B 302 31.92 1.23 1.81
C LEU B 302 30.65 1.79 1.17
N GLU B 303 30.02 0.95 0.34
CA GLU B 303 28.80 1.45 -0.24
C GLU B 303 27.50 0.70 0.09
N GLY B 304 26.48 1.50 0.46
CA GLY B 304 25.12 1.04 0.70
C GLY B 304 24.27 1.56 -0.50
N ALA B 305 23.67 0.64 -1.27
CA ALA B 305 22.89 1.07 -2.44
C ALA B 305 21.48 0.68 -2.23
N VAL B 306 20.63 1.70 -2.45
CA VAL B 306 19.15 1.62 -2.34
C VAL B 306 18.44 1.84 -3.73
N PHE B 307 17.70 0.80 -4.16
CA PHE B 307 16.99 0.80 -5.41
C PHE B 307 16.00 1.89 -5.63
N MET B 308 15.08 2.04 -4.69
CA MET B 308 14.05 3.04 -4.90
C MET B 308 14.12 4.25 -3.97
N ALA B 309 14.28 5.41 -4.52
CA ALA B 309 14.27 6.60 -3.70
C ALA B 309 13.36 7.69 -4.36
N GLY B 310 13.97 8.44 -5.31
CA GLY B 310 13.20 9.40 -6.06
C GLY B 310 12.08 8.64 -6.78
N ALA B 311 12.46 7.57 -7.45
CA ALA B 311 11.49 6.77 -8.12
C ALA B 311 10.15 6.60 -7.39
N SER B 312 10.20 6.34 -6.11
CA SER B 312 8.96 6.15 -5.43
C SER B 312 8.03 7.36 -5.68
N ILE B 313 8.70 8.47 -5.61
CA ILE B 313 8.05 9.74 -5.81
C ILE B 313 7.55 9.88 -7.27
N GLN B 314 8.32 9.43 -8.25
CA GLN B 314 7.75 9.57 -9.63
C GLN B 314 6.52 8.72 -9.82
N TRP B 315 6.64 7.56 -9.23
CA TRP B 315 5.55 6.65 -9.25
C TRP B 315 4.35 7.38 -8.78
N LEU B 316 4.54 7.84 -7.60
CA LEU B 316 3.56 8.61 -6.95
C LEU B 316 2.90 9.61 -7.90
N ARG B 317 3.73 10.38 -8.56
CA ARG B 317 3.25 11.34 -9.51
C ARG B 317 2.84 10.74 -10.85
N ASP B 318 3.73 10.10 -11.54
CA ASP B 318 3.39 9.51 -12.84
C ASP B 318 2.39 8.39 -12.86
N GLU B 319 2.60 7.32 -12.12
CA GLU B 319 1.65 6.21 -12.27
C GLU B 319 0.41 6.24 -11.36
N MET B 320 0.59 6.70 -10.10
CA MET B 320 -0.42 6.85 -9.03
C MET B 320 -1.29 8.05 -9.26
N LYS B 321 -0.51 9.12 -9.57
CA LYS B 321 -1.00 10.44 -9.92
C LYS B 321 -1.51 11.14 -8.75
N LEU B 322 -0.90 10.90 -7.61
CA LEU B 322 -1.47 11.56 -6.48
C LEU B 322 -0.93 12.93 -6.45
N ILE B 323 0.03 13.19 -7.30
CA ILE B 323 0.60 14.51 -7.38
C ILE B 323 1.01 14.88 -8.76
N ASN B 324 1.44 16.14 -8.89
CA ASN B 324 1.84 16.57 -10.24
C ASN B 324 3.31 16.90 -10.32
N ASP B 325 3.86 17.03 -9.12
CA ASP B 325 5.18 17.50 -8.93
C ASP B 325 5.79 16.81 -7.82
N ALA B 326 7.02 16.31 -8.04
CA ALA B 326 7.75 15.85 -6.89
C ALA B 326 7.72 16.99 -5.87
N TYR B 327 7.99 18.18 -6.35
CA TYR B 327 7.90 19.30 -5.48
C TYR B 327 6.73 19.22 -4.47
N ASP B 328 5.56 18.96 -5.04
CA ASP B 328 4.33 18.91 -4.32
C ASP B 328 4.31 18.04 -3.10
N SER B 329 5.16 17.05 -3.15
CA SER B 329 5.12 16.07 -2.12
C SER B 329 5.29 16.71 -0.75
N GLU B 330 6.13 17.72 -0.66
CA GLU B 330 6.32 18.33 0.63
C GLU B 330 4.99 18.93 1.12
N TYR B 331 4.33 19.77 0.29
CA TYR B 331 3.07 20.47 0.64
C TYR B 331 1.90 19.65 1.22
N PHE B 332 1.79 18.49 0.59
CA PHE B 332 0.82 17.54 1.04
C PHE B 332 1.19 16.83 2.32
N ALA B 333 2.49 16.47 2.41
CA ALA B 333 3.04 15.69 3.49
C ALA B 333 2.85 16.39 4.82
N THR B 334 3.02 17.70 4.74
CA THR B 334 2.87 18.60 5.87
C THR B 334 1.45 18.86 6.14
N LYS B 335 0.71 18.64 5.12
CA LYS B 335 -0.69 18.80 5.25
C LYS B 335 -1.15 17.92 6.39
N VAL B 336 -0.43 16.84 6.65
CA VAL B 336 -0.86 15.91 7.70
C VAL B 336 0.12 15.90 8.83
N GLN B 337 -0.39 15.62 10.02
CA GLN B 337 0.45 15.58 11.23
C GLN B 337 1.49 14.47 11.26
N ASN B 338 1.11 13.41 10.61
CA ASN B 338 1.88 12.23 10.61
C ASN B 338 1.40 11.32 9.49
N THR B 339 1.78 10.03 9.54
CA THR B 339 1.52 9.09 8.51
C THR B 339 0.45 8.15 8.87
N ASN B 340 -0.10 8.39 10.04
CA ASN B 340 -1.28 7.63 10.49
C ASN B 340 -1.18 6.12 10.65
N GLY B 341 0.05 5.64 10.95
CA GLY B 341 0.39 4.24 11.11
C GLY B 341 0.82 3.59 9.78
N VAL B 342 0.79 4.32 8.67
CA VAL B 342 1.10 3.77 7.37
C VAL B 342 2.58 3.67 7.02
N TYR B 343 2.92 2.54 6.48
CA TYR B 343 4.28 2.30 6.08
C TYR B 343 4.22 1.90 4.62
N VAL B 344 5.28 2.29 3.95
CA VAL B 344 5.43 2.03 2.53
C VAL B 344 6.74 1.44 2.13
N VAL B 345 6.71 0.30 1.53
CA VAL B 345 7.98 -0.29 1.11
C VAL B 345 8.15 -0.34 -0.38
N PRO B 346 9.12 0.40 -0.82
CA PRO B 346 9.52 0.58 -2.19
C PRO B 346 10.22 -0.57 -2.88
N ALA B 347 9.97 -1.82 -2.55
CA ALA B 347 10.64 -2.87 -3.31
C ALA B 347 10.00 -3.15 -4.67
N PHE B 348 9.91 -2.10 -5.43
CA PHE B 348 9.37 -2.26 -6.70
C PHE B 348 10.24 -3.27 -7.32
N THR B 349 11.56 -3.10 -7.16
CA THR B 349 12.66 -3.94 -7.70
C THR B 349 13.18 -4.97 -6.71
N GLY B 350 12.43 -5.31 -5.74
CA GLY B 350 13.02 -6.13 -4.76
C GLY B 350 13.77 -5.14 -3.94
N LEU B 351 14.58 -5.73 -3.05
CA LEU B 351 15.35 -5.01 -2.07
C LEU B 351 16.79 -4.59 -2.40
N GLY B 352 17.71 -4.76 -1.44
CA GLY B 352 19.04 -4.21 -1.62
C GLY B 352 19.68 -3.98 -0.27
N ALA B 353 20.77 -3.22 -0.32
CA ALA B 353 21.47 -3.03 0.92
C ALA B 353 20.45 -2.63 1.94
N PRO B 354 20.45 -3.21 3.12
CA PRO B 354 21.31 -4.26 3.53
C PRO B 354 20.84 -5.55 3.13
N TYR B 355 19.56 -5.60 2.78
CA TYR B 355 18.84 -6.84 2.55
C TYR B 355 19.12 -7.70 1.35
N TRP B 356 19.15 -7.11 0.18
CA TRP B 356 19.39 -7.90 -1.03
C TRP B 356 18.43 -9.07 -1.26
N ASP B 357 17.12 -8.67 -1.28
CA ASP B 357 16.02 -9.60 -1.48
C ASP B 357 15.30 -9.32 -2.77
N PRO B 358 15.74 -10.00 -3.79
CA PRO B 358 15.23 -9.97 -5.12
C PRO B 358 13.80 -10.42 -5.23
N TYR B 359 13.23 -10.95 -4.17
CA TYR B 359 11.84 -11.36 -4.29
C TYR B 359 10.82 -10.48 -3.63
N ALA B 360 11.33 -9.51 -2.85
CA ALA B 360 10.56 -8.45 -2.23
C ALA B 360 9.88 -7.62 -3.31
N ARG B 361 8.62 -7.20 -3.01
CA ARG B 361 7.83 -6.31 -3.86
C ARG B 361 7.34 -5.12 -3.08
N GLY B 362 7.07 -4.03 -3.76
CA GLY B 362 6.55 -2.87 -3.05
C GLY B 362 5.30 -3.13 -2.19
N ALA B 363 5.25 -2.56 -0.97
CA ALA B 363 4.03 -2.79 -0.22
C ALA B 363 3.53 -1.67 0.62
N ILE B 364 2.21 -1.57 0.70
CA ILE B 364 1.68 -0.53 1.54
C ILE B 364 1.18 -1.18 2.79
N PHE B 365 1.48 -0.56 3.98
CA PHE B 365 1.00 -1.12 5.25
C PHE B 365 0.21 -0.24 6.24
N GLY B 366 -0.49 -0.93 7.12
CA GLY B 366 -1.26 -0.35 8.23
C GLY B 366 -2.45 0.54 7.86
N LEU B 367 -3.25 0.05 6.90
CA LEU B 367 -4.35 0.86 6.46
C LEU B 367 -5.59 0.70 7.29
N THR B 368 -6.05 1.89 7.56
CA THR B 368 -7.24 2.24 8.24
C THR B 368 -8.14 3.16 7.40
N ARG B 369 -9.42 3.11 7.73
CA ARG B 369 -10.50 3.85 7.09
C ARG B 369 -10.24 5.34 6.87
N GLY B 370 -9.67 6.01 7.87
CA GLY B 370 -9.38 7.43 7.82
C GLY B 370 -8.06 7.79 7.14
N VAL B 371 -7.34 6.82 6.62
CA VAL B 371 -6.08 7.17 5.94
C VAL B 371 -6.31 7.72 4.48
N ASN B 372 -5.62 8.78 4.13
CA ASN B 372 -5.74 9.37 2.82
C ASN B 372 -4.48 9.55 1.98
N ALA B 373 -4.67 9.94 0.72
CA ALA B 373 -3.52 10.22 -0.12
C ALA B 373 -2.39 10.96 0.56
N ASN B 374 -2.73 11.95 1.39
CA ASN B 374 -1.65 12.64 2.06
C ASN B 374 -0.80 11.73 2.87
N HIS B 375 -1.46 11.07 3.82
CA HIS B 375 -0.72 10.09 4.54
C HIS B 375 0.15 9.24 3.53
N ILE B 376 -0.51 8.51 2.60
CA ILE B 376 0.26 7.77 1.64
C ILE B 376 1.46 8.49 1.16
N ILE B 377 1.27 9.71 0.81
CA ILE B 377 2.38 10.38 0.21
C ILE B 377 3.55 10.55 1.18
N ARG B 378 3.29 11.06 2.36
CA ARG B 378 4.39 11.28 3.30
C ARG B 378 5.07 9.94 3.67
N ALA B 379 4.24 8.92 3.96
CA ALA B 379 4.83 7.64 4.26
C ALA B 379 5.88 7.31 3.17
N THR B 380 5.54 7.64 1.93
CA THR B 380 6.42 7.35 0.85
C THR B 380 7.76 7.97 1.03
N LEU B 381 7.71 9.16 1.58
CA LEU B 381 8.95 9.88 1.75
C LEU B 381 9.70 9.36 2.90
N GLU B 382 8.95 9.11 3.97
CA GLU B 382 9.55 8.59 5.13
C GLU B 382 10.26 7.37 4.70
N SER B 383 9.58 6.56 3.94
CA SER B 383 10.22 5.36 3.48
C SER B 383 11.65 5.58 3.14
N ILE B 384 11.91 6.69 2.54
CA ILE B 384 13.28 6.97 2.14
C ILE B 384 14.26 7.23 3.31
N ALA B 385 13.87 7.86 4.40
CA ALA B 385 14.87 8.02 5.45
C ALA B 385 15.17 6.66 6.09
N TYR B 386 14.11 5.89 6.38
CA TYR B 386 14.19 4.57 6.91
C TYR B 386 15.29 3.75 6.34
N GLN B 387 15.27 3.79 5.06
CA GLN B 387 16.25 3.09 4.33
C GLN B 387 17.59 3.66 4.72
N THR B 388 17.86 4.88 4.32
CA THR B 388 19.10 5.55 4.71
C THR B 388 19.58 5.10 6.08
N ARG B 389 18.72 5.14 7.10
CA ARG B 389 19.16 4.69 8.44
C ARG B 389 19.66 3.26 8.38
N ASP B 390 18.72 2.38 8.01
CA ASP B 390 19.01 0.98 7.77
C ASP B 390 20.49 0.76 7.50
N VAL B 391 20.78 1.21 6.33
CA VAL B 391 22.05 1.11 5.78
C VAL B 391 23.08 1.81 6.61
N LEU B 392 22.74 2.96 7.11
CA LEU B 392 23.77 3.63 7.83
C LEU B 392 24.24 2.73 9.01
N GLU B 393 23.24 2.09 9.66
CA GLU B 393 23.52 1.18 10.77
C GLU B 393 24.66 0.23 10.48
N ALA B 394 24.50 -0.42 9.33
CA ALA B 394 25.53 -1.29 8.79
C ALA B 394 26.83 -0.54 8.72
N MET B 395 26.82 0.47 7.88
CA MET B 395 27.96 1.28 7.70
C MET B 395 28.59 1.39 9.06
N GLN B 396 27.84 1.84 10.10
CA GLN B 396 28.52 1.92 11.43
C GLN B 396 29.13 0.62 11.84
N ALA B 397 28.28 -0.37 11.79
CA ALA B 397 28.62 -1.74 12.09
C ALA B 397 29.86 -2.16 11.31
N ASP B 398 29.87 -1.91 10.03
CA ASP B 398 31.04 -2.28 9.27
C ASP B 398 32.19 -1.31 9.54
N SER B 399 31.84 -0.03 9.62
CA SER B 399 32.83 0.98 9.82
C SER B 399 33.44 0.94 11.16
N GLY B 400 32.66 0.77 12.17
CA GLY B 400 33.27 0.90 13.45
C GLY B 400 33.47 2.38 13.66
N ILE B 401 32.51 3.13 13.15
CA ILE B 401 32.53 4.57 13.23
C ILE B 401 31.18 5.24 13.59
N ARG B 402 31.25 6.41 14.23
CA ARG B 402 30.08 7.17 14.56
C ARG B 402 30.07 8.48 13.83
N LEU B 403 29.03 8.67 13.04
CA LEU B 403 28.91 9.88 12.28
C LEU B 403 28.10 10.83 13.01
N HIS B 404 28.58 12.02 13.15
CA HIS B 404 27.73 12.85 13.91
C HIS B 404 27.02 13.74 12.94
N ALA B 405 27.56 13.69 11.73
CA ALA B 405 27.03 14.46 10.66
C ALA B 405 27.06 13.77 9.38
N LEU B 406 25.89 13.65 8.82
CA LEU B 406 25.77 13.09 7.49
C LEU B 406 25.61 14.21 6.47
N ARG B 407 26.48 14.20 5.49
CA ARG B 407 26.47 15.19 4.46
C ARG B 407 25.82 14.63 3.19
N VAL B 408 24.75 15.27 2.83
CA VAL B 408 23.97 14.79 1.74
C VAL B 408 24.08 15.55 0.48
N ASP B 409 23.44 14.95 -0.49
CA ASP B 409 23.35 15.53 -1.79
C ASP B 409 22.34 14.77 -2.66
N GLY B 410 21.92 15.44 -3.73
CA GLY B 410 20.94 14.83 -4.60
C GLY B 410 19.65 15.64 -4.73
N GLY B 411 18.89 15.22 -5.77
CA GLY B 411 17.62 15.79 -6.15
C GLY B 411 16.73 16.10 -4.98
N ALA B 412 16.48 15.10 -4.17
CA ALA B 412 15.59 15.31 -3.06
C ALA B 412 16.10 16.17 -1.93
N VAL B 413 17.40 16.45 -1.87
CA VAL B 413 17.91 17.18 -0.70
C VAL B 413 17.18 18.51 -0.52
N ALA B 414 16.54 18.91 -1.61
CA ALA B 414 15.68 20.06 -1.65
C ALA B 414 14.49 19.98 -0.64
N ASN B 415 13.81 18.78 -0.59
CA ASN B 415 12.72 18.53 0.36
C ASN B 415 13.10 18.70 1.91
N ASN B 416 12.66 19.82 2.42
CA ASN B 416 13.00 20.16 3.76
C ASN B 416 12.34 19.26 4.68
N PHE B 417 11.09 18.98 4.37
CA PHE B 417 10.42 18.00 5.18
C PHE B 417 11.30 16.79 5.39
N LEU B 418 11.63 16.29 4.24
CA LEU B 418 12.51 15.22 4.16
C LEU B 418 13.70 15.29 5.06
N MET B 419 14.58 16.17 4.62
CA MET B 419 15.78 16.52 5.31
C MET B 419 15.57 16.50 6.83
N GLN B 420 14.68 17.32 7.23
CA GLN B 420 14.43 17.34 8.60
C GLN B 420 14.14 15.99 9.12
N PHE B 421 13.03 15.41 8.64
CA PHE B 421 12.61 14.05 9.05
C PHE B 421 13.78 13.06 9.16
N GLN B 422 14.55 12.97 8.02
CA GLN B 422 15.76 12.15 7.92
C GLN B 422 16.67 12.36 9.13
N SER B 423 17.00 13.65 9.45
CA SER B 423 17.78 13.94 10.63
C SER B 423 17.08 13.40 11.83
N ASP B 424 15.86 13.86 12.09
CA ASP B 424 15.11 13.37 13.23
C ASP B 424 15.25 11.85 13.39
N ILE B 425 15.42 11.16 12.28
CA ILE B 425 15.44 9.70 12.29
C ILE B 425 16.75 8.98 12.49
N LEU B 426 17.80 9.63 12.04
CA LEU B 426 19.12 9.13 12.15
C LEU B 426 19.57 9.37 13.53
N GLY B 427 19.09 10.54 14.00
CA GLY B 427 19.38 11.20 15.28
C GLY B 427 20.62 12.05 15.06
N THR B 428 21.04 12.05 13.81
CA THR B 428 22.25 12.72 13.40
C THR B 428 22.04 14.02 12.71
N ARG B 429 23.07 14.83 12.72
CA ARG B 429 22.89 16.04 12.02
C ARG B 429 23.33 15.83 10.57
N VAL B 430 22.57 16.60 9.75
CA VAL B 430 22.60 16.62 8.33
C VAL B 430 22.94 17.94 7.71
N GLU B 431 23.99 17.85 6.88
CA GLU B 431 24.66 18.87 6.04
C GLU B 431 24.33 18.93 4.56
N ARG B 432 23.55 19.97 4.28
CA ARG B 432 23.15 20.28 2.96
C ARG B 432 24.07 21.39 2.45
N PRO B 433 24.98 20.94 1.57
CA PRO B 433 25.94 21.78 0.89
C PRO B 433 25.36 23.03 0.18
N GLU B 434 26.21 23.99 -0.22
CA GLU B 434 25.75 25.16 -0.99
C GLU B 434 25.44 24.75 -2.42
N VAL B 435 26.47 24.29 -3.16
CA VAL B 435 26.34 23.83 -4.55
C VAL B 435 25.51 22.55 -4.65
N ARG B 436 24.96 22.21 -5.84
CA ARG B 436 24.17 21.00 -5.90
C ARG B 436 24.57 19.96 -6.93
N GLU B 437 25.33 20.36 -7.93
CA GLU B 437 25.71 19.40 -8.95
C GLU B 437 26.96 18.66 -8.52
N VAL B 438 26.93 18.32 -7.27
CA VAL B 438 28.04 17.68 -6.66
C VAL B 438 28.72 16.64 -7.49
N THR B 439 27.91 15.89 -8.19
CA THR B 439 28.55 14.89 -8.95
C THR B 439 29.56 15.49 -9.91
N ALA B 440 29.08 16.19 -11.01
CA ALA B 440 29.88 16.93 -12.04
C ALA B 440 31.07 17.59 -11.43
N LEU B 441 30.81 18.15 -10.26
CA LEU B 441 31.82 18.73 -9.43
C LEU B 441 33.04 17.84 -9.40
N GLY B 442 32.85 16.58 -9.01
CA GLY B 442 33.95 15.66 -9.08
C GLY B 442 34.48 15.67 -10.52
N ALA B 443 33.87 14.85 -11.34
CA ALA B 443 34.23 14.76 -12.74
C ALA B 443 35.06 15.90 -13.23
N ALA B 444 34.51 17.09 -13.03
CA ALA B 444 35.26 18.22 -13.39
C ALA B 444 36.54 18.12 -12.59
N TYR B 445 36.57 18.61 -11.34
CA TYR B 445 37.81 18.47 -10.57
C TYR B 445 38.80 17.55 -11.18
N LEU B 446 38.73 16.40 -10.55
CA LEU B 446 39.41 15.22 -10.93
C LEU B 446 40.08 15.43 -12.29
N ALA B 447 39.27 15.69 -13.32
CA ALA B 447 39.81 15.96 -14.64
C ALA B 447 40.86 17.10 -14.59
N GLY B 448 40.43 18.32 -14.23
CA GLY B 448 41.28 19.53 -14.13
C GLY B 448 42.46 19.36 -13.18
N LEU B 449 42.22 18.60 -12.15
CA LEU B 449 43.23 18.27 -11.19
C LEU B 449 44.32 17.52 -11.94
N ALA B 450 43.82 16.62 -12.80
CA ALA B 450 44.63 15.77 -13.65
C ALA B 450 45.44 16.56 -14.65
N VAL B 451 45.23 17.82 -14.68
CA VAL B 451 45.90 18.61 -15.69
C VAL B 451 46.62 19.74 -15.01
N GLY B 452 46.73 19.52 -13.72
CA GLY B 452 47.28 20.55 -12.98
C GLY B 452 46.49 21.76 -13.41
N PHE B 453 45.16 21.62 -13.35
CA PHE B 453 44.27 22.74 -13.60
C PHE B 453 44.05 23.25 -12.19
N TRP B 454 44.32 22.29 -11.35
CA TRP B 454 44.34 22.46 -9.94
C TRP B 454 45.42 21.62 -9.36
N GLN B 455 46.25 22.30 -8.61
CA GLN B 455 47.26 21.71 -7.79
C GLN B 455 46.63 21.85 -6.44
N ASN B 456 46.04 20.75 -5.93
CA ASN B 456 45.31 20.73 -4.67
C ASN B 456 43.82 20.66 -4.78
N LEU B 457 43.29 20.17 -3.69
CA LEU B 457 41.90 20.09 -3.53
C LEU B 457 41.51 21.23 -2.65
N ASP B 458 42.34 21.47 -1.67
CA ASP B 458 42.06 22.53 -0.73
C ASP B 458 41.57 23.79 -1.45
N GLU B 459 42.01 23.99 -2.70
CA GLU B 459 41.55 25.13 -3.50
C GLU B 459 40.02 25.25 -3.45
N LEU B 460 39.44 24.30 -4.17
CA LEU B 460 38.04 23.99 -4.37
C LEU B 460 37.31 23.79 -3.06
N GLN B 461 38.07 23.47 -2.01
CA GLN B 461 37.60 23.28 -0.62
C GLN B 461 36.70 24.43 -0.14
N GLU B 462 36.64 25.47 -0.96
CA GLU B 462 35.84 26.61 -0.63
C GLU B 462 34.44 26.41 -1.11
N LYS B 463 34.31 25.80 -2.28
CA LYS B 463 33.01 25.51 -2.84
C LYS B 463 32.24 24.47 -2.06
N ALA B 464 32.75 24.20 -0.88
CA ALA B 464 32.14 23.23 -0.02
C ALA B 464 31.52 23.86 1.21
N VAL B 465 30.80 24.91 0.93
CA VAL B 465 30.07 25.58 1.93
C VAL B 465 28.88 24.82 2.34
N ILE B 466 28.71 24.52 3.59
CA ILE B 466 27.44 23.90 3.82
C ILE B 466 26.44 25.02 4.00
N GLU B 467 25.29 24.86 3.33
CA GLU B 467 24.20 25.81 3.41
C GLU B 467 23.16 25.44 4.48
N ARG B 468 22.92 24.17 4.69
CA ARG B 468 21.95 23.91 5.72
C ARG B 468 22.21 22.68 6.52
N GLU B 469 22.31 22.84 7.83
CA GLU B 469 22.47 21.62 8.58
C GLU B 469 21.24 21.34 9.35
N PHE B 470 20.78 20.11 9.24
CA PHE B 470 19.60 19.75 9.96
C PHE B 470 19.88 19.04 11.23
N ARG B 471 19.28 19.58 12.26
CA ARG B 471 19.41 19.00 13.55
C ARG B 471 18.17 18.21 13.96
N PRO B 472 18.46 17.05 14.48
CA PRO B 472 17.53 16.13 15.04
C PRO B 472 16.65 16.83 16.06
N GLY B 473 15.35 16.70 15.94
CA GLY B 473 14.48 17.39 16.86
C GLY B 473 13.44 16.51 17.57
N ILE B 474 13.54 15.14 17.43
CA ILE B 474 12.63 14.12 17.96
C ILE B 474 13.27 13.23 18.99
N GLU B 475 12.40 12.72 19.89
CA GLU B 475 12.85 11.87 20.96
C GLU B 475 13.17 10.47 20.55
N THR B 476 14.17 10.05 21.24
CA THR B 476 14.80 8.78 21.07
C THR B 476 13.71 7.73 20.93
N THR B 477 12.82 7.83 21.88
CA THR B 477 11.73 6.96 21.86
C THR B 477 11.21 7.01 20.50
N GLU B 478 10.71 8.21 20.26
CA GLU B 478 10.12 8.51 19.01
C GLU B 478 10.81 7.79 17.93
N ARG B 479 12.10 8.10 17.81
CA ARG B 479 12.96 7.43 16.91
C ARG B 479 12.81 5.92 16.82
N ASN B 480 13.11 5.23 17.89
CA ASN B 480 13.03 3.81 17.65
C ASN B 480 11.62 3.36 17.54
N TYR B 481 10.75 4.18 18.04
CA TYR B 481 9.40 3.77 17.94
C TYR B 481 9.09 3.43 16.53
N ARG B 482 9.21 4.46 15.71
CA ARG B 482 9.05 4.32 14.28
C ARG B 482 9.89 3.27 13.62
N TYR B 483 11.18 3.38 13.82
CA TYR B 483 12.05 2.45 13.14
C TYR B 483 11.56 0.96 13.24
N ALA B 484 10.94 0.69 14.38
CA ALA B 484 10.41 -0.59 14.69
C ALA B 484 9.34 -1.00 13.65
N GLY B 485 8.16 -0.39 13.77
CA GLY B 485 7.14 -0.71 12.78
C GLY B 485 7.73 -0.76 11.37
N TRP B 486 8.74 0.09 11.10
CA TRP B 486 9.31 0.13 9.79
C TRP B 486 9.97 -1.21 9.47
N LYS B 487 10.43 -1.86 10.50
CA LYS B 487 11.07 -3.09 10.11
C LYS B 487 10.02 -4.14 10.02
N LYS B 488 9.06 -3.92 10.86
CA LYS B 488 7.92 -4.78 10.89
C LYS B 488 7.47 -5.04 9.46
N ALA B 489 7.44 -3.90 8.79
CA ALA B 489 6.95 -3.89 7.47
C ALA B 489 7.84 -4.71 6.59
N VAL B 490 9.00 -4.15 6.36
CA VAL B 490 9.99 -4.73 5.49
C VAL B 490 9.96 -6.25 5.47
N LYS B 491 9.93 -6.82 6.70
CA LYS B 491 9.85 -8.25 6.80
C LYS B 491 8.73 -8.68 5.96
N ARG B 492 7.49 -8.14 6.25
CA ARG B 492 6.29 -8.53 5.49
C ARG B 492 6.44 -8.29 3.96
N ALA B 493 7.25 -7.34 3.57
CA ALA B 493 7.49 -7.14 2.18
C ALA B 493 8.38 -8.18 1.58
N MET B 494 9.44 -8.59 2.32
CA MET B 494 10.39 -9.59 1.77
C MET B 494 9.85 -10.91 1.32
N ALA B 495 10.46 -11.37 0.22
CA ALA B 495 10.10 -12.64 -0.31
C ALA B 495 8.68 -12.67 -0.88
N TRP B 496 8.33 -11.72 -1.73
CA TRP B 496 6.97 -11.74 -2.23
C TRP B 496 6.91 -12.62 -3.47
N GLU B 497 7.84 -12.33 -4.37
CA GLU B 497 7.89 -13.10 -5.55
C GLU B 497 8.07 -14.55 -5.30
N GLU B 498 7.16 -15.31 -5.82
CA GLU B 498 7.25 -16.75 -5.76
C GLU B 498 8.48 -17.24 -6.51
N HIS B 499 9.21 -18.15 -5.89
CA HIS B 499 10.41 -18.66 -6.52
C HIS B 499 10.07 -19.61 -7.71
#